data_1HRI
#
_entry.id   1HRI
#
_cell.length_a   445.100
_cell.length_b   445.100
_cell.length_c   445.100
_cell.angle_alpha   90.00
_cell.angle_beta   90.00
_cell.angle_gamma   90.00
#
_symmetry.space_group_name_H-M   'P 21 3'
#
loop_
_entity.id
_entity.type
_entity.pdbx_description
1 polymer 'HUMAN RHINOVIRUS 14 COAT PROTEIN (SUBUNIT VP1)'
2 polymer 'HUMAN RHINOVIRUS 14 COAT PROTEIN (SUBUNIT VP2)'
3 polymer 'HUMAN RHINOVIRUS 14 COAT PROTEIN (SUBUNIT VP3)'
4 polymer 'HUMAN RHINOVIRUS 14 COAT PROTEIN (SUBUNIT VP4)'
5 non-polymer 1-[6-(2-CHLORO-4-METHYXYPHENOXY)-HEXYL]-IMIDAZOLE
#
loop_
_entity_poly.entity_id
_entity_poly.type
_entity_poly.pdbx_seq_one_letter_code
_entity_poly.pdbx_strand_id
1 'polypeptide(L)'
;GLGDELEEVIVEKTKQTVASISSGPKHTQKVPILTANETGATMPVLPSDSIETRTTYMHFNGSETDVECFLGRAACVHVT
EIQNKDATGIDNHREAKLFNDWKINLSSLVQLRKKLELFTYVRFDSEYTILATASQPDSANYSSNLVVQAMYVPPGAPNP
KEWDDYTWQSASNPSVFFKVGDTSRFSVPYVGLASAYNCFYDGYSHDDAETQYGITVLNHMGSMAFRIVNEHDEHKTLVK
IRVYHRAKHVEAWIPRAPRALPYTSIGRTNYPKNTEPVIKKRKGDIKSY
;
1
2 'polypeptide(L)'
;SPNVEACGYSDRVQQITLGNSTITTQEAANAVVCYAEWPEYLPDVDASDVNKTSKPDTSVCRFYTLDSKTWTTGSKGWCW
KLPDALKDMGVFGQNMFFHSLGRSGYTVHVQCNATKFHSGCLLVVVIPEHQLASHEGGNVSVKYTFTHPGERGIDLSSAN
EVGGPVKDVLYNMNGTLLGNLLIFPHQFINLRTNNTATIVIPYINSVPIDSMTRHNNVSLMVIPIAPLTVPTGATPSLPI
TVTIAPMCTEFSGIRSKSIVPQ
;
2
3 'polypeptide(L)'
;GLPTTTLPGSGQFLTTDDRQSPSALPNYEPTPRIHIPGKVHNLLEIIQVDTLIPMNNTHTKDEVNSYLIPLNANRQNEQV
FGTNLFIGDGVFKTTLLGEIVQYYTHWSGSLRFSLMYTGPALSSAKLILAYTPPGARGPQDRREAMLGTHVVWDIGLQST
IVMTIPWTSGVQFRYTDPDTYTSAGFLSCWYQTSLILPPETTGQVYLLSFISACPDFKLRLMKDTQTISQTVALTE
;
3
4 'polypeptide(L)' GAQVSTQKSGSHENQNILTNGSNQTFTVINYYKDAASTSSAGQSLSMDPSKFTEPVKDLMLKGAPALN 4
#
loop_
_chem_comp.id
_chem_comp.type
_chem_comp.name
_chem_comp.formula
S57 non-polymer 1-[6-(2-CHLORO-4-METHYXYPHENOXY)-HEXYL]-IMIDAZOLE 'C16 H21 Cl N2 O2'
#
# COMPACT_ATOMS: atom_id res chain seq x y z
N THR A 17 9.86 24.90 -16.06
CA THR A 17 9.90 24.58 -14.63
C THR A 17 11.20 24.51 -13.81
N VAL A 18 11.26 25.24 -12.66
CA VAL A 18 12.62 25.13 -12.06
C VAL A 18 12.65 23.94 -11.13
N ALA A 19 13.75 23.21 -11.20
CA ALA A 19 14.00 22.07 -10.32
C ALA A 19 14.67 22.56 -9.03
N SER A 20 15.40 23.63 -9.18
CA SER A 20 16.05 24.20 -7.96
C SER A 20 16.16 25.69 -8.26
N ILE A 21 15.93 26.53 -7.25
CA ILE A 21 16.13 27.94 -7.46
C ILE A 21 17.55 28.29 -6.89
N SER A 22 17.92 29.52 -7.14
CA SER A 22 19.25 29.93 -6.64
C SER A 22 19.14 30.28 -5.21
N SER A 23 19.89 29.91 -4.29
CA SER A 23 19.60 30.42 -2.86
C SER A 23 20.91 30.65 -2.23
N GLY A 24 21.11 31.57 -1.33
CA GLY A 24 22.50 31.88 -0.78
C GLY A 24 22.53 31.67 0.68
N PRO A 25 23.48 32.28 1.39
CA PRO A 25 23.68 32.06 2.84
C PRO A 25 22.39 32.42 3.55
N LYS A 26 22.05 31.96 4.66
CA LYS A 26 20.87 32.15 5.53
C LYS A 26 21.30 32.37 6.98
N HIS A 27 20.77 33.21 7.78
CA HIS A 27 21.13 33.29 9.25
C HIS A 27 19.78 33.72 9.84
N THR A 28 18.79 32.93 9.93
CA THR A 28 17.52 33.21 10.33
C THR A 28 17.01 32.56 11.63
N GLN A 29 15.82 32.99 11.92
CA GLN A 29 15.00 32.68 13.06
C GLN A 29 13.90 31.78 12.45
N LYS A 30 14.02 31.58 11.18
CA LYS A 30 12.98 30.81 10.43
C LYS A 30 13.62 29.53 9.94
N VAL A 31 13.50 28.43 10.64
CA VAL A 31 14.21 27.18 10.32
C VAL A 31 13.35 26.18 9.66
N PRO A 32 13.30 26.04 8.36
CA PRO A 32 12.44 25.07 7.69
C PRO A 32 12.85 23.63 7.89
N ILE A 33 14.03 23.34 8.39
CA ILE A 33 14.45 21.94 8.50
C ILE A 33 14.11 21.36 9.84
N LEU A 34 13.58 22.04 10.80
CA LEU A 34 13.23 21.40 12.11
C LEU A 34 11.75 21.07 12.06
N THR A 35 11.33 19.88 12.16
CA THR A 35 9.86 19.65 12.14
C THR A 35 9.43 18.74 13.21
N ALA A 36 8.23 18.26 13.31
CA ALA A 36 7.74 17.28 14.30
C ALA A 36 7.08 16.14 13.55
N ASN A 37 7.68 15.05 13.18
CA ASN A 37 7.14 13.99 12.38
C ASN A 37 5.99 13.30 13.07
N GLU A 38 5.79 13.63 14.35
CA GLU A 38 4.74 12.95 15.06
C GLU A 38 3.38 13.33 14.50
N THR A 39 3.34 14.41 13.74
CA THR A 39 2.10 15.00 13.22
C THR A 39 1.55 14.20 12.08
N GLY A 40 2.38 13.43 11.39
CA GLY A 40 1.92 12.60 10.30
C GLY A 40 2.19 13.32 9.01
N ALA A 41 2.76 14.49 9.01
CA ALA A 41 2.99 15.15 7.68
C ALA A 41 4.35 14.85 7.14
N THR A 42 4.63 14.92 5.85
CA THR A 42 6.02 14.96 5.32
C THR A 42 6.19 16.38 4.79
N MET A 43 6.79 17.20 5.59
CA MET A 43 7.06 18.61 5.20
C MET A 43 7.90 18.68 3.96
N PRO A 44 7.48 19.50 3.02
CA PRO A 44 8.14 19.64 1.70
C PRO A 44 9.46 20.35 1.67
N VAL A 45 10.46 19.80 2.29
CA VAL A 45 11.80 20.42 2.36
C VAL A 45 12.56 20.14 1.08
N LEU A 46 13.33 21.12 0.66
CA LEU A 46 14.15 21.11 -0.57
C LEU A 46 15.62 21.40 -0.33
N PRO A 47 16.46 21.00 -1.29
CA PRO A 47 17.90 21.27 -1.17
C PRO A 47 18.15 22.69 -0.81
N SER A 48 17.38 23.60 -1.37
CA SER A 48 17.66 25.04 -1.15
C SER A 48 17.19 25.41 0.23
N ASP A 49 16.98 24.60 1.18
CA ASP A 49 16.50 25.09 2.50
C ASP A 49 17.69 24.93 3.45
N SER A 50 18.62 24.14 2.91
CA SER A 50 19.76 23.80 3.76
C SER A 50 21.06 23.88 3.07
N ILE A 51 21.29 24.07 1.82
CA ILE A 51 22.59 24.38 1.22
C ILE A 51 22.39 25.58 0.30
N GLU A 52 23.42 26.16 -0.26
CA GLU A 52 23.27 27.28 -1.23
C GLU A 52 23.11 26.65 -2.60
N THR A 53 22.09 26.84 -3.39
CA THR A 53 21.85 26.23 -4.70
C THR A 53 21.93 27.26 -5.80
N ARG A 54 21.90 26.76 -7.02
CA ARG A 54 21.99 27.55 -8.27
C ARG A 54 20.72 27.21 -9.05
N THR A 55 20.26 27.98 -9.96
CA THR A 55 19.06 27.53 -10.71
C THR A 55 19.36 26.40 -11.65
N THR A 56 18.40 25.51 -11.73
CA THR A 56 18.40 24.37 -12.68
C THR A 56 16.92 24.12 -13.02
N TYR A 57 16.70 23.65 -14.25
CA TYR A 57 15.31 23.29 -14.68
C TYR A 57 15.09 21.82 -14.71
N MET A 58 13.82 21.46 -14.66
CA MET A 58 13.42 20.03 -14.56
C MET A 58 13.60 19.35 -15.86
N HIS A 59 13.21 19.94 -16.96
CA HIS A 59 13.35 19.15 -18.22
C HIS A 59 12.59 17.84 -18.09
N PHE A 60 11.54 17.68 -17.37
CA PHE A 60 10.90 16.32 -17.24
C PHE A 60 9.49 16.43 -16.80
N ASN A 61 8.51 15.63 -17.10
CA ASN A 61 7.16 15.77 -16.70
C ASN A 61 6.66 14.71 -15.84
N GLY A 62 7.27 13.57 -15.77
CA GLY A 62 6.71 12.50 -14.89
C GLY A 62 5.62 11.77 -15.64
N SER A 63 5.67 11.70 -16.93
CA SER A 63 4.82 11.02 -17.82
C SER A 63 4.64 9.51 -17.60
N GLU A 64 5.80 8.88 -17.35
CA GLU A 64 5.92 7.37 -17.36
C GLU A 64 5.69 6.74 -16.02
N THR A 65 5.21 7.55 -15.10
CA THR A 65 4.91 7.15 -13.74
C THR A 65 3.41 7.42 -13.52
N ASP A 66 2.76 7.86 -14.57
CA ASP A 66 1.29 8.03 -14.47
C ASP A 66 0.68 6.68 -14.18
N VAL A 67 -0.32 6.50 -13.38
CA VAL A 67 -0.84 5.13 -13.14
C VAL A 67 -1.35 4.56 -14.45
N GLU A 68 -1.73 5.38 -15.42
CA GLU A 68 -2.29 4.71 -16.65
C GLU A 68 -1.14 3.99 -17.29
N CYS A 69 0.03 4.54 -17.21
CA CYS A 69 1.21 4.00 -17.87
C CYS A 69 1.70 2.79 -17.10
N PHE A 70 1.66 2.93 -15.79
CA PHE A 70 2.19 1.88 -14.88
C PHE A 70 1.41 0.59 -15.05
N LEU A 71 0.08 0.65 -15.16
CA LEU A 71 -0.72 -0.56 -15.26
C LEU A 71 -1.10 -0.80 -16.72
N GLY A 72 -0.67 0.07 -17.60
CA GLY A 72 -1.13 -0.06 -18.99
C GLY A 72 -0.36 -0.90 -19.91
N ARG A 73 0.46 -1.82 -19.57
CA ARG A 73 1.17 -2.68 -20.63
C ARG A 73 0.64 -4.07 -20.42
N ALA A 74 0.61 -4.89 -21.41
CA ALA A 74 0.13 -6.29 -21.27
C ALA A 74 0.97 -7.10 -20.32
N ALA A 75 0.46 -7.85 -19.40
CA ALA A 75 1.18 -8.75 -18.49
C ALA A 75 0.62 -10.15 -18.68
N CYS A 76 1.41 -11.19 -18.56
CA CYS A 76 0.84 -12.58 -18.71
C CYS A 76 0.02 -12.86 -17.47
N VAL A 77 -1.18 -13.23 -17.62
CA VAL A 77 -2.00 -13.44 -16.41
C VAL A 77 -2.35 -14.90 -16.29
N HIS A 78 -2.08 -15.75 -17.26
CA HIS A 78 -2.60 -17.16 -17.17
C HIS A 78 -2.02 -18.01 -18.26
N VAL A 79 -1.58 -19.21 -17.89
CA VAL A 79 -1.15 -20.14 -18.96
C VAL A 79 -1.94 -21.41 -18.78
N THR A 80 -2.66 -21.90 -19.68
CA THR A 80 -3.43 -23.15 -19.53
C THR A 80 -3.06 -24.02 -20.70
N GLU A 81 -3.68 -25.19 -20.79
CA GLU A 81 -3.41 -26.07 -21.94
C GLU A 81 -4.58 -27.06 -22.15
N ILE A 82 -4.82 -27.29 -23.41
CA ILE A 82 -5.86 -28.18 -23.93
C ILE A 82 -5.23 -29.06 -24.99
N GLN A 83 -5.80 -30.24 -25.28
CA GLN A 83 -5.25 -31.03 -26.41
C GLN A 83 -6.33 -31.49 -27.41
N ASN A 84 -5.86 -31.74 -28.61
CA ASN A 84 -6.79 -32.22 -29.66
C ASN A 84 -6.45 -33.71 -29.71
N LYS A 85 -7.41 -34.52 -29.43
CA LYS A 85 -7.12 -36.01 -29.50
C LYS A 85 -8.44 -36.70 -29.64
N ASP A 86 -8.47 -37.97 -29.98
CA ASP A 86 -9.74 -38.70 -30.13
C ASP A 86 -10.48 -38.83 -28.78
N ALA A 87 -11.72 -38.28 -28.73
CA ALA A 87 -12.40 -38.27 -27.42
C ALA A 87 -13.13 -39.59 -27.21
N THR A 88 -13.04 -40.37 -28.24
CA THR A 88 -13.66 -41.71 -28.17
C THR A 88 -13.20 -42.44 -26.91
N GLY A 89 -14.28 -42.81 -26.16
CA GLY A 89 -14.11 -43.44 -24.83
C GLY A 89 -13.57 -42.55 -23.73
N ILE A 90 -13.78 -41.20 -23.84
CA ILE A 90 -13.17 -40.38 -22.72
C ILE A 90 -14.37 -40.09 -21.84
N ASP A 91 -14.16 -40.42 -20.56
CA ASP A 91 -15.46 -40.20 -19.76
C ASP A 91 -15.51 -38.84 -19.23
N ASN A 92 -14.42 -38.06 -19.40
CA ASN A 92 -14.42 -36.73 -18.71
C ASN A 92 -13.49 -35.80 -19.50
N HIS A 93 -14.18 -35.11 -20.42
CA HIS A 93 -13.44 -34.30 -21.38
C HIS A 93 -12.60 -33.27 -20.62
N ARG A 94 -13.29 -32.79 -19.61
CA ARG A 94 -12.65 -31.66 -18.85
C ARG A 94 -11.37 -32.19 -18.30
N GLU A 95 -11.50 -33.42 -17.78
CA GLU A 95 -10.33 -34.05 -17.22
C GLU A 95 -9.28 -34.45 -18.22
N ALA A 96 -9.47 -34.60 -19.41
CA ALA A 96 -8.53 -35.03 -20.46
C ALA A 96 -7.96 -33.81 -21.19
N LYS A 97 -8.31 -32.65 -20.67
CA LYS A 97 -7.95 -31.36 -21.27
C LYS A 97 -8.46 -31.29 -22.70
N LEU A 98 -9.63 -31.84 -22.89
CA LEU A 98 -10.26 -31.85 -24.21
C LEU A 98 -10.90 -30.48 -24.46
N PHE A 99 -10.86 -29.82 -23.29
CA PHE A 99 -11.29 -28.46 -23.14
C PHE A 99 -10.85 -28.08 -21.73
N ASN A 100 -10.83 -26.81 -21.43
CA ASN A 100 -10.33 -26.39 -20.11
C ASN A 100 -10.72 -24.96 -19.75
N ASP A 101 -10.92 -24.79 -18.46
CA ASP A 101 -11.33 -23.51 -17.86
C ASP A 101 -10.15 -22.71 -17.31
N TRP A 102 -10.55 -21.55 -16.84
CA TRP A 102 -9.71 -20.55 -16.18
C TRP A 102 -10.61 -19.63 -15.37
N LYS A 103 -10.64 -19.88 -14.09
CA LYS A 103 -11.45 -19.05 -13.20
C LYS A 103 -10.80 -17.67 -13.15
N ILE A 104 -11.30 -16.83 -14.05
CA ILE A 104 -10.80 -15.46 -14.23
C ILE A 104 -10.19 -14.97 -12.93
N ASN A 105 -8.97 -14.51 -13.10
CA ASN A 105 -8.14 -14.01 -12.02
C ASN A 105 -7.55 -12.65 -12.35
N LEU A 106 -6.28 -12.60 -12.01
CA LEU A 106 -5.45 -11.43 -12.17
C LEU A 106 -4.57 -11.30 -10.93
N SER A 107 -4.61 -12.37 -10.15
CA SER A 107 -3.85 -12.48 -8.90
C SER A 107 -3.20 -13.86 -8.76
N SER A 108 -3.11 -14.58 -9.86
CA SER A 108 -2.48 -15.94 -9.86
C SER A 108 -0.98 -15.80 -10.17
N LEU A 109 -0.72 -15.02 -11.20
CA LEU A 109 0.65 -14.67 -11.63
C LEU A 109 1.02 -13.36 -10.93
N VAL A 110 1.85 -13.53 -9.91
CA VAL A 110 2.26 -12.49 -8.93
C VAL A 110 2.94 -11.22 -9.50
N GLN A 111 3.48 -11.29 -10.71
CA GLN A 111 4.23 -10.13 -11.27
C GLN A 111 3.35 -8.87 -11.42
N LEU A 112 2.09 -9.07 -11.74
CA LEU A 112 1.15 -7.94 -11.97
C LEU A 112 0.33 -7.64 -10.72
N ARG A 113 0.39 -8.56 -9.78
CA ARG A 113 -0.35 -8.47 -8.51
C ARG A 113 0.23 -7.38 -7.61
N LYS A 114 1.53 -7.50 -7.36
CA LYS A 114 2.26 -6.53 -6.53
C LYS A 114 1.96 -5.12 -7.04
N LYS A 115 2.00 -5.03 -8.35
CA LYS A 115 1.75 -3.80 -9.10
C LYS A 115 0.36 -3.26 -8.72
N LEU A 116 -0.57 -4.10 -8.81
CA LEU A 116 -2.00 -3.81 -8.65
C LEU A 116 -2.34 -3.56 -7.17
N GLU A 117 -1.71 -4.35 -6.33
CA GLU A 117 -1.96 -4.31 -4.88
C GLU A 117 -1.19 -3.17 -4.20
N LEU A 118 -0.78 -2.22 -5.01
CA LEU A 118 -0.07 -1.02 -4.50
C LEU A 118 -1.09 0.07 -4.18
N PHE A 119 -2.31 -0.43 -4.64
CA PHE A 119 -3.54 0.34 -4.58
C PHE A 119 -4.61 -0.50 -3.89
N THR A 120 -5.51 0.19 -3.23
CA THR A 120 -6.63 -0.44 -2.51
C THR A 120 -7.76 -0.75 -3.50
N TYR A 121 -8.34 0.32 -4.01
CA TYR A 121 -9.38 0.28 -5.05
C TYR A 121 -8.77 0.69 -6.37
N VAL A 122 -9.32 0.14 -7.41
CA VAL A 122 -8.77 0.33 -8.72
C VAL A 122 -9.84 -0.02 -9.79
N ARG A 123 -9.92 0.87 -10.77
CA ARG A 123 -10.87 0.78 -11.88
C ARG A 123 -10.15 1.01 -13.22
N PHE A 124 -10.33 0.08 -14.13
CA PHE A 124 -9.65 0.13 -15.43
C PHE A 124 -10.34 -0.73 -16.47
N ASP A 125 -10.46 -0.17 -17.65
CA ASP A 125 -11.01 -0.88 -18.82
C ASP A 125 -10.03 -2.03 -19.08
N SER A 126 -10.39 -2.92 -19.97
CA SER A 126 -9.52 -4.07 -20.23
C SER A 126 -9.35 -4.37 -21.72
N GLU A 127 -8.23 -5.02 -21.98
CA GLU A 127 -7.79 -5.45 -23.30
C GLU A 127 -7.02 -6.77 -23.17
N TYR A 128 -7.73 -7.86 -23.46
CA TYR A 128 -7.18 -9.23 -23.39
C TYR A 128 -6.53 -9.62 -24.73
N THR A 129 -5.42 -10.32 -24.62
CA THR A 129 -4.64 -10.82 -25.78
C THR A 129 -4.20 -12.26 -25.50
N ILE A 130 -4.70 -13.16 -26.34
CA ILE A 130 -4.49 -14.61 -26.16
C ILE A 130 -3.56 -15.22 -27.17
N LEU A 131 -2.42 -15.68 -26.80
CA LEU A 131 -1.48 -16.35 -27.77
C LEU A 131 -1.66 -17.85 -27.58
N ALA A 132 -1.73 -18.65 -28.57
CA ALA A 132 -1.91 -20.11 -28.54
C ALA A 132 -0.82 -20.77 -29.33
N THR A 133 0.01 -21.60 -28.85
CA THR A 133 1.07 -22.23 -29.77
C THR A 133 0.89 -23.69 -29.69
N ALA A 134 1.30 -24.46 -30.70
CA ALA A 134 1.04 -25.94 -30.58
C ALA A 134 2.37 -26.63 -30.44
N SER A 135 2.34 -27.76 -29.82
CA SER A 135 3.43 -28.67 -29.55
C SER A 135 2.98 -30.09 -29.99
N GLN A 136 3.93 -30.80 -30.49
CA GLN A 136 3.63 -32.22 -30.92
C GLN A 136 4.75 -33.09 -30.39
N PRO A 137 4.73 -33.30 -29.08
CA PRO A 137 5.80 -34.04 -28.44
C PRO A 137 5.94 -35.42 -28.97
N ASP A 138 5.02 -36.06 -29.64
CA ASP A 138 5.45 -37.44 -30.06
C ASP A 138 5.08 -37.72 -31.49
N SER A 139 6.07 -38.01 -32.27
CA SER A 139 5.89 -38.44 -33.63
C SER A 139 4.64 -38.06 -34.35
N ALA A 140 4.75 -37.06 -35.22
CA ALA A 140 3.54 -36.70 -36.05
C ALA A 140 4.05 -36.52 -37.48
N ASN A 141 3.23 -36.74 -38.46
CA ASN A 141 3.70 -36.55 -39.84
C ASN A 141 3.84 -35.08 -40.19
N TYR A 142 2.98 -34.36 -39.46
CA TYR A 142 2.82 -32.96 -39.66
C TYR A 142 2.21 -32.25 -38.48
N SER A 143 2.16 -30.93 -38.71
CA SER A 143 1.58 -29.95 -37.75
C SER A 143 0.19 -29.61 -38.16
N SER A 144 -0.82 -29.89 -37.40
CA SER A 144 -2.21 -29.64 -38.11
C SER A 144 -2.61 -28.24 -37.97
N ASN A 145 -3.65 -27.70 -38.64
CA ASN A 145 -4.01 -26.32 -38.26
C ASN A 145 -5.39 -26.29 -37.65
N LEU A 146 -5.26 -26.04 -36.35
CA LEU A 146 -6.28 -25.97 -35.35
C LEU A 146 -6.80 -24.54 -35.17
N VAL A 147 -8.07 -24.45 -34.93
CA VAL A 147 -8.74 -23.21 -34.59
C VAL A 147 -9.14 -23.30 -33.14
N VAL A 148 -8.78 -22.41 -32.24
CA VAL A 148 -9.22 -22.42 -30.85
C VAL A 148 -10.53 -21.69 -30.70
N GLN A 149 -11.36 -21.94 -29.80
CA GLN A 149 -12.61 -21.13 -29.57
C GLN A 149 -12.46 -20.64 -28.15
N ALA A 150 -12.55 -19.40 -27.82
CA ALA A 150 -12.51 -19.02 -26.41
C ALA A 150 -13.88 -18.40 -26.04
N MET A 151 -14.46 -18.86 -24.91
CA MET A 151 -15.82 -18.43 -24.47
C MET A 151 -15.88 -18.02 -22.98
N TYR A 152 -16.92 -17.21 -22.70
CA TYR A 152 -17.25 -16.65 -21.36
C TYR A 152 -18.58 -17.27 -20.87
N VAL A 153 -18.46 -18.37 -20.13
CA VAL A 153 -19.59 -19.14 -19.58
C VAL A 153 -19.81 -18.76 -18.10
N PRO A 154 -20.02 -17.46 -17.82
CA PRO A 154 -20.14 -16.93 -16.46
C PRO A 154 -21.27 -17.48 -15.61
N PRO A 155 -21.53 -16.74 -14.49
CA PRO A 155 -22.50 -17.08 -13.43
C PRO A 155 -23.95 -17.14 -13.87
N GLY A 156 -24.36 -18.30 -14.35
CA GLY A 156 -25.74 -18.55 -14.79
C GLY A 156 -25.68 -19.26 -16.13
N ALA A 157 -24.53 -19.05 -16.72
CA ALA A 157 -24.17 -19.60 -18.01
C ALA A 157 -23.91 -21.09 -17.90
N PRO A 158 -24.50 -21.88 -18.79
CA PRO A 158 -24.25 -23.30 -18.82
C PRO A 158 -22.80 -23.54 -19.12
N ASN A 159 -22.16 -24.25 -18.21
CA ASN A 159 -20.74 -24.64 -18.33
C ASN A 159 -20.65 -25.73 -19.31
N PRO A 160 -19.70 -25.69 -20.21
CA PRO A 160 -19.42 -26.84 -21.12
C PRO A 160 -19.20 -28.11 -20.35
N LYS A 161 -19.70 -29.20 -20.85
CA LYS A 161 -19.45 -30.48 -20.20
C LYS A 161 -18.63 -31.30 -21.11
N GLU A 162 -18.91 -31.38 -22.34
CA GLU A 162 -18.03 -32.07 -23.29
C GLU A 162 -17.40 -31.06 -24.17
N TRP A 163 -16.45 -31.45 -25.00
CA TRP A 163 -15.79 -30.45 -25.85
C TRP A 163 -16.67 -30.08 -26.98
N ASP A 164 -17.83 -30.74 -27.09
CA ASP A 164 -18.74 -30.25 -28.17
C ASP A 164 -20.21 -30.14 -27.84
N ASP A 165 -20.62 -29.86 -26.62
CA ASP A 165 -21.84 -29.52 -26.00
C ASP A 165 -22.64 -28.45 -26.76
N TYR A 166 -23.87 -28.31 -26.31
CA TYR A 166 -24.74 -27.24 -26.96
C TYR A 166 -24.15 -25.92 -26.50
N THR A 167 -23.53 -25.91 -25.32
CA THR A 167 -22.92 -24.70 -24.75
C THR A 167 -22.06 -23.91 -25.73
N TRP A 168 -21.32 -24.68 -26.54
CA TRP A 168 -20.37 -24.03 -27.47
C TRP A 168 -21.07 -23.28 -28.55
N GLN A 169 -22.43 -23.48 -28.75
CA GLN A 169 -23.18 -22.64 -29.69
C GLN A 169 -22.97 -21.17 -29.35
N SER A 170 -22.89 -20.97 -28.06
CA SER A 170 -22.64 -19.66 -27.43
C SER A 170 -23.31 -18.54 -28.24
N ALA A 171 -24.63 -18.56 -28.21
CA ALA A 171 -25.46 -17.57 -28.91
C ALA A 171 -26.07 -16.60 -27.91
N SER A 172 -25.24 -15.88 -27.26
CA SER A 172 -25.69 -14.93 -26.25
C SER A 172 -24.49 -14.72 -25.36
N ASN A 173 -23.59 -15.65 -25.52
CA ASN A 173 -22.33 -15.73 -24.79
C ASN A 173 -21.18 -15.42 -25.69
N PRO A 174 -20.37 -14.43 -25.42
CA PRO A 174 -19.27 -14.09 -26.31
C PRO A 174 -18.29 -15.21 -26.44
N SER A 175 -17.78 -15.33 -27.65
CA SER A 175 -16.75 -16.33 -27.95
C SER A 175 -16.04 -16.06 -29.27
N VAL A 176 -14.72 -16.02 -29.20
CA VAL A 176 -13.61 -16.02 -30.07
C VAL A 176 -13.13 -17.29 -30.74
N PHE A 177 -12.91 -17.14 -32.02
CA PHE A 177 -12.38 -18.20 -32.84
C PHE A 177 -11.08 -17.71 -33.48
N PHE A 178 -9.94 -18.14 -33.18
CA PHE A 178 -8.68 -17.73 -33.86
C PHE A 178 -7.84 -18.95 -34.13
N LYS A 179 -6.76 -18.87 -34.84
CA LYS A 179 -5.93 -20.05 -35.18
C LYS A 179 -4.79 -20.19 -34.20
N VAL A 180 -4.49 -21.43 -33.90
CA VAL A 180 -3.27 -21.70 -33.04
C VAL A 180 -2.08 -21.02 -33.67
N GLY A 181 -1.20 -20.34 -32.98
CA GLY A 181 0.00 -19.71 -33.63
C GLY A 181 -0.28 -18.24 -33.82
N ASP A 182 -1.56 -17.95 -33.97
CA ASP A 182 -2.01 -16.56 -34.01
C ASP A 182 -2.42 -16.21 -32.57
N THR A 183 -2.96 -15.11 -32.55
CA THR A 183 -3.28 -14.27 -31.38
C THR A 183 -4.72 -13.72 -31.51
N SER A 184 -5.39 -13.72 -30.37
CA SER A 184 -6.78 -13.21 -30.25
C SER A 184 -6.83 -12.06 -29.26
N ARG A 185 -7.19 -10.92 -29.79
CA ARG A 185 -7.29 -9.68 -29.02
C ARG A 185 -8.72 -9.14 -29.04
N PHE A 186 -8.95 -8.48 -27.95
CA PHE A 186 -10.20 -7.81 -27.74
C PHE A 186 -10.13 -7.13 -26.38
N SER A 187 -11.10 -6.28 -26.15
CA SER A 187 -11.13 -5.48 -24.92
C SER A 187 -12.49 -5.53 -24.22
N VAL A 188 -12.50 -5.07 -22.96
CA VAL A 188 -13.73 -5.13 -22.12
C VAL A 188 -13.85 -4.01 -21.09
N PRO A 189 -15.01 -3.32 -21.00
CA PRO A 189 -15.23 -2.32 -19.96
C PRO A 189 -15.17 -2.98 -18.60
N TYR A 190 -15.35 -2.14 -17.58
CA TYR A 190 -15.34 -2.55 -16.16
C TYR A 190 -16.67 -3.27 -15.82
N VAL A 191 -16.61 -4.59 -15.76
CA VAL A 191 -17.80 -5.42 -15.49
C VAL A 191 -17.95 -5.82 -14.02
N GLY A 192 -17.44 -4.99 -13.08
CA GLY A 192 -17.39 -5.16 -11.63
C GLY A 192 -18.60 -4.48 -10.97
N LEU A 193 -19.40 -5.31 -10.34
CA LEU A 193 -20.65 -4.92 -9.67
C LEU A 193 -20.56 -3.57 -8.94
N ALA A 194 -19.46 -3.29 -8.27
CA ALA A 194 -19.32 -2.03 -7.49
C ALA A 194 -18.63 -0.94 -8.33
N SER A 195 -18.20 0.16 -7.66
CA SER A 195 -17.70 1.33 -8.43
C SER A 195 -16.27 1.08 -8.80
N ALA A 196 -15.60 0.19 -8.09
CA ALA A 196 -14.18 -0.16 -8.33
C ALA A 196 -14.02 -1.65 -8.01
N TYR A 197 -12.95 -2.28 -8.38
CA TYR A 197 -12.69 -3.69 -8.00
C TYR A 197 -12.01 -3.64 -6.64
N ASN A 198 -12.30 -4.47 -5.68
CA ASN A 198 -11.54 -4.34 -4.39
C ASN A 198 -10.22 -5.13 -4.57
N CYS A 199 -9.09 -4.52 -4.40
CA CYS A 199 -7.84 -5.24 -4.34
C CYS A 199 -7.77 -5.96 -2.97
N PHE A 200 -8.49 -5.51 -2.02
CA PHE A 200 -8.51 -6.10 -0.69
C PHE A 200 -9.93 -5.97 -0.16
N TYR A 201 -10.27 -6.85 0.75
CA TYR A 201 -11.66 -6.78 1.29
C TYR A 201 -11.65 -7.35 2.69
N ASP A 202 -11.81 -6.55 3.74
CA ASP A 202 -11.68 -7.24 5.08
C ASP A 202 -13.11 -7.53 5.44
N GLY A 203 -13.67 -8.53 4.72
CA GLY A 203 -15.11 -8.89 5.06
C GLY A 203 -15.39 -10.33 4.66
N TYR A 204 -16.63 -10.71 4.76
CA TYR A 204 -17.23 -11.99 4.45
C TYR A 204 -18.42 -11.80 3.53
N SER A 205 -19.02 -12.85 3.01
CA SER A 205 -20.12 -12.68 2.08
C SER A 205 -21.40 -12.59 2.92
N HIS A 206 -21.24 -13.05 4.13
CA HIS A 206 -22.39 -12.90 5.08
C HIS A 206 -21.86 -13.24 6.45
N ASP A 207 -22.67 -13.01 7.46
CA ASP A 207 -22.14 -13.25 8.81
C ASP A 207 -22.30 -14.74 9.09
N ASP A 208 -21.56 -15.55 8.48
CA ASP A 208 -21.57 -17.02 8.70
C ASP A 208 -20.37 -17.33 9.58
N ALA A 209 -20.40 -18.39 10.33
CA ALA A 209 -19.27 -18.63 11.21
C ALA A 209 -18.14 -19.29 10.46
N GLU A 210 -18.41 -19.85 9.37
CA GLU A 210 -17.33 -20.64 8.70
C GLU A 210 -17.21 -20.12 7.30
N THR A 211 -17.84 -18.98 6.90
CA THR A 211 -17.69 -18.69 5.46
C THR A 211 -16.25 -18.18 5.20
N GLN A 212 -15.85 -18.26 3.94
CA GLN A 212 -14.49 -17.87 3.49
C GLN A 212 -14.22 -16.39 3.69
N TYR A 213 -12.93 -16.08 3.65
CA TYR A 213 -12.44 -14.72 3.87
C TYR A 213 -11.54 -14.30 2.69
N GLY A 214 -11.47 -12.99 2.51
CA GLY A 214 -10.67 -12.37 1.45
C GLY A 214 -11.57 -11.60 0.48
N ILE A 215 -11.14 -11.66 -0.76
CA ILE A 215 -11.83 -11.02 -1.89
C ILE A 215 -12.36 -12.10 -2.83
N THR A 216 -12.01 -13.33 -2.55
CA THR A 216 -12.44 -14.56 -3.25
C THR A 216 -13.97 -14.64 -3.27
N VAL A 217 -14.55 -13.77 -2.45
CA VAL A 217 -16.00 -13.65 -2.26
C VAL A 217 -16.62 -12.75 -3.32
N LEU A 218 -15.86 -11.73 -3.64
CA LEU A 218 -16.27 -10.70 -4.60
C LEU A 218 -15.82 -11.08 -6.01
N ASN A 219 -14.60 -11.31 -6.17
CA ASN A 219 -14.11 -11.55 -7.53
C ASN A 219 -14.92 -12.67 -8.20
N HIS A 220 -16.15 -12.32 -8.53
CA HIS A 220 -17.08 -13.23 -9.24
C HIS A 220 -17.27 -12.76 -10.66
N MET A 221 -16.80 -13.57 -11.54
CA MET A 221 -16.89 -13.27 -12.96
C MET A 221 -16.57 -14.51 -13.77
N GLY A 222 -17.24 -15.56 -13.33
CA GLY A 222 -17.14 -16.79 -14.11
C GLY A 222 -15.71 -17.02 -14.63
N SER A 223 -15.65 -18.01 -15.49
CA SER A 223 -14.40 -18.50 -16.08
C SER A 223 -14.44 -18.45 -17.61
N MET A 224 -13.28 -18.69 -18.15
CA MET A 224 -13.06 -18.76 -19.61
C MET A 224 -12.83 -20.21 -20.02
N ALA A 225 -13.59 -20.61 -21.02
CA ALA A 225 -13.53 -21.97 -21.55
C ALA A 225 -12.93 -21.95 -22.96
N PHE A 226 -11.85 -22.69 -23.06
CA PHE A 226 -11.11 -22.86 -24.32
C PHE A 226 -11.27 -24.30 -24.81
N ARG A 227 -11.24 -24.44 -26.11
CA ARG A 227 -11.36 -25.74 -26.75
C ARG A 227 -10.85 -25.65 -28.18
N ILE A 228 -10.51 -26.72 -28.76
CA ILE A 228 -10.11 -26.74 -30.22
C ILE A 228 -11.34 -27.08 -31.00
N VAL A 229 -11.50 -26.45 -32.17
CA VAL A 229 -12.82 -26.74 -32.85
C VAL A 229 -12.58 -27.98 -33.66
N ASN A 230 -11.32 -28.21 -34.10
CA ASN A 230 -11.01 -29.32 -34.99
C ASN A 230 -11.30 -30.69 -34.35
N GLU A 231 -11.72 -31.62 -35.23
CA GLU A 231 -11.82 -33.02 -34.79
C GLU A 231 -10.34 -33.49 -34.77
N HIS A 232 -10.18 -34.75 -34.39
CA HIS A 232 -8.83 -35.30 -34.24
C HIS A 232 -8.28 -35.85 -35.56
N ASP A 233 -6.93 -35.62 -35.61
CA ASP A 233 -6.09 -36.20 -36.64
C ASP A 233 -5.53 -37.51 -35.98
N GLU A 234 -4.64 -38.10 -36.78
CA GLU A 234 -4.03 -39.36 -36.26
C GLU A 234 -3.13 -39.02 -35.12
N HIS A 235 -2.34 -37.97 -35.08
CA HIS A 235 -1.48 -37.78 -33.85
C HIS A 235 -2.21 -36.90 -32.86
N LYS A 236 -1.53 -36.61 -31.80
CA LYS A 236 -2.15 -35.78 -30.71
C LYS A 236 -1.49 -34.43 -30.77
N THR A 237 -2.12 -33.36 -30.39
CA THR A 237 -1.49 -32.03 -30.51
C THR A 237 -1.76 -31.30 -29.18
N LEU A 238 -0.71 -30.80 -28.60
CA LEU A 238 -0.84 -30.03 -27.34
C LEU A 238 -0.91 -28.57 -27.72
N VAL A 239 -1.92 -27.90 -27.21
CA VAL A 239 -2.05 -26.43 -27.50
C VAL A 239 -1.98 -25.77 -26.14
N LYS A 240 -1.12 -24.80 -26.00
CA LYS A 240 -0.92 -24.16 -24.66
C LYS A 240 -1.37 -22.71 -24.86
N ILE A 241 -2.31 -22.29 -24.02
CA ILE A 241 -2.89 -20.94 -24.08
C ILE A 241 -2.29 -20.02 -23.05
N ARG A 242 -1.85 -18.84 -23.55
CA ARG A 242 -1.34 -17.75 -22.66
C ARG A 242 -2.25 -16.51 -22.78
N VAL A 243 -2.86 -16.10 -21.69
CA VAL A 243 -3.73 -14.93 -21.66
C VAL A 243 -2.95 -13.73 -21.16
N TYR A 244 -2.88 -12.64 -21.88
CA TYR A 244 -2.21 -11.39 -21.45
C TYR A 244 -3.27 -10.36 -21.10
N HIS A 245 -3.08 -9.53 -20.10
CA HIS A 245 -4.08 -8.52 -19.73
C HIS A 245 -3.45 -7.15 -19.64
N ARG A 246 -4.03 -6.14 -20.23
CA ARG A 246 -3.57 -4.74 -20.22
C ARG A 246 -4.70 -3.87 -19.68
N ALA A 247 -4.48 -3.14 -18.67
CA ALA A 247 -5.47 -2.22 -18.13
C ALA A 247 -5.47 -0.95 -19.00
N LYS A 248 -6.66 -0.48 -19.37
CA LYS A 248 -6.76 0.82 -20.12
C LYS A 248 -7.86 1.59 -19.40
N HIS A 249 -7.64 2.90 -19.28
CA HIS A 249 -8.55 3.83 -18.58
C HIS A 249 -8.50 3.59 -17.11
N VAL A 250 -7.32 3.60 -16.51
CA VAL A 250 -7.10 3.23 -15.13
C VAL A 250 -7.48 4.22 -14.07
N GLU A 251 -8.01 3.80 -13.00
CA GLU A 251 -8.30 4.81 -11.88
C GLU A 251 -7.96 4.08 -10.59
N ALA A 252 -7.14 4.59 -9.72
CA ALA A 252 -6.69 3.82 -8.54
C ALA A 252 -6.86 4.58 -7.30
N TRP A 253 -7.33 4.10 -6.19
CA TRP A 253 -7.49 4.88 -4.96
C TRP A 253 -6.75 4.21 -3.80
N ILE A 254 -6.31 4.98 -2.85
CA ILE A 254 -5.70 4.63 -1.60
C ILE A 254 -4.48 3.79 -1.67
N PRO A 255 -3.29 4.38 -1.77
CA PRO A 255 -2.01 3.62 -1.88
C PRO A 255 -1.75 2.80 -0.65
N ARG A 256 -1.08 1.69 -0.72
CA ARG A 256 -0.78 0.85 0.47
C ARG A 256 0.68 0.46 0.45
N ALA A 257 1.19 -0.11 1.48
CA ALA A 257 2.58 -0.61 1.60
C ALA A 257 2.82 -1.71 0.60
N PRO A 258 3.96 -1.81 -0.11
CA PRO A 258 4.16 -2.83 -1.14
C PRO A 258 4.21 -4.19 -0.54
N ARG A 259 3.96 -5.27 -1.26
CA ARG A 259 4.07 -6.61 -0.78
C ARG A 259 5.50 -7.02 -0.43
N ALA A 260 5.77 -7.49 0.74
CA ALA A 260 7.13 -7.85 1.12
C ALA A 260 7.30 -9.35 1.05
N LEU A 261 6.44 -10.16 1.66
CA LEU A 261 6.62 -11.64 1.66
C LEU A 261 6.00 -12.21 0.39
N PRO A 262 6.31 -13.46 0.12
CA PRO A 262 5.83 -14.19 -1.04
C PRO A 262 4.36 -14.45 -0.85
N TYR A 263 3.69 -14.76 -1.93
CA TYR A 263 2.25 -15.05 -1.98
C TYR A 263 2.04 -16.57 -1.90
N THR A 264 0.90 -16.99 -1.40
CA THR A 264 0.62 -18.41 -1.27
C THR A 264 -0.66 -18.72 -1.94
N SER A 265 -1.60 -17.81 -2.00
CA SER A 265 -2.97 -18.11 -2.52
C SER A 265 -3.61 -17.04 -3.32
N ILE A 266 -4.46 -17.31 -4.31
CA ILE A 266 -5.24 -16.28 -5.01
C ILE A 266 -6.22 -15.74 -3.96
N GLY A 267 -6.14 -14.45 -3.76
CA GLY A 267 -7.14 -13.76 -2.95
C GLY A 267 -6.95 -13.75 -1.50
N ARG A 268 -5.88 -14.33 -0.97
CA ARG A 268 -5.72 -14.07 0.51
C ARG A 268 -4.34 -13.47 0.62
N THR A 269 -4.14 -12.77 1.68
CA THR A 269 -2.94 -12.02 2.00
C THR A 269 -1.84 -12.83 2.62
N ASN A 270 -2.20 -14.09 2.98
CA ASN A 270 -1.38 -15.05 3.59
C ASN A 270 0.05 -15.21 2.90
N TYR A 271 0.97 -15.30 3.77
CA TYR A 271 2.38 -15.54 3.44
C TYR A 271 2.78 -16.90 4.05
N PRO A 272 3.81 -17.51 3.50
CA PRO A 272 4.29 -18.80 3.93
C PRO A 272 4.99 -18.83 5.25
N LYS A 273 4.88 -19.93 6.05
CA LYS A 273 5.56 -20.00 7.37
C LYS A 273 7.03 -20.23 7.27
N ASN A 274 7.75 -19.78 8.27
CA ASN A 274 9.27 -19.97 8.10
C ASN A 274 9.46 -19.55 6.57
N THR A 275 9.43 -18.24 6.55
CA THR A 275 9.70 -17.50 5.28
C THR A 275 11.09 -17.00 5.45
N GLU A 276 11.79 -16.23 4.66
CA GLU A 276 13.16 -15.77 5.14
C GLU A 276 13.16 -14.31 5.44
N PRO A 277 14.11 -13.88 6.21
CA PRO A 277 14.16 -12.38 6.53
C PRO A 277 14.18 -11.68 5.16
N VAL A 278 13.34 -10.67 5.07
CA VAL A 278 13.20 -9.90 3.82
C VAL A 278 14.10 -8.71 3.90
N ILE A 279 14.56 -8.26 5.04
CA ILE A 279 15.50 -7.10 5.04
C ILE A 279 16.92 -7.61 4.99
N LYS A 280 17.76 -7.31 4.09
CA LYS A 280 19.17 -7.75 3.96
C LYS A 280 19.99 -7.37 5.18
N LYS A 281 20.60 -8.30 5.81
CA LYS A 281 21.46 -8.02 6.97
C LYS A 281 22.77 -7.40 6.51
N ARG A 282 23.22 -6.41 7.26
CA ARG A 282 24.49 -5.78 6.97
C ARG A 282 25.64 -6.75 7.04
N LYS A 283 26.58 -6.45 6.16
CA LYS A 283 27.90 -7.36 6.35
C LYS A 283 28.75 -6.41 7.13
N GLY A 284 28.61 -6.26 8.41
CA GLY A 284 29.40 -5.25 9.16
C GLY A 284 28.45 -4.59 10.15
N ASP A 285 28.83 -3.58 10.82
CA ASP A 285 28.20 -2.71 11.62
C ASP A 285 27.09 -1.86 11.17
N ILE A 286 26.48 -1.18 12.24
CA ILE A 286 25.50 -0.12 11.78
C ILE A 286 26.40 0.96 11.05
N LYS A 287 27.62 1.07 11.59
CA LYS A 287 28.54 2.07 11.12
C LYS A 287 29.11 1.77 9.75
N SER A 288 28.96 0.58 9.23
CA SER A 288 29.54 0.21 7.91
C SER A 288 29.16 0.93 6.70
N TYR A 289 29.94 1.06 5.66
CA TYR A 289 29.39 1.76 4.43
C TYR A 289 28.87 0.76 3.42
N GLY B 8 -2.52 32.74 21.15
CA GLY B 8 -1.99 31.77 22.23
C GLY B 8 -2.56 30.38 21.85
N TYR B 9 -3.10 30.35 20.62
CA TYR B 9 -3.62 28.97 20.20
C TYR B 9 -2.37 28.20 19.93
N SER B 10 -2.32 26.96 20.35
CA SER B 10 -1.10 26.15 20.02
C SER B 10 -1.66 24.99 19.21
N ASP B 11 -0.93 24.36 18.43
CA ASP B 11 -1.23 23.14 17.79
C ASP B 11 -1.53 22.00 18.78
N ARG B 12 -0.98 22.19 19.95
CA ARG B 12 -0.82 21.54 21.18
C ARG B 12 -2.04 21.35 22.05
N VAL B 13 -2.86 22.33 22.28
CA VAL B 13 -4.09 22.18 23.06
C VAL B 13 -5.29 22.07 22.15
N GLN B 14 -6.26 21.26 22.40
CA GLN B 14 -7.41 21.08 21.55
C GLN B 14 -8.60 20.62 22.32
N GLN B 15 -9.75 20.90 21.76
CA GLN B 15 -11.01 20.47 22.34
C GLN B 15 -11.87 19.89 21.22
N ILE B 16 -12.39 18.71 21.35
CA ILE B 16 -13.34 18.17 20.35
C ILE B 16 -14.66 17.92 21.03
N THR B 17 -15.73 18.54 20.72
CA THR B 17 -17.02 18.31 21.35
C THR B 17 -17.90 17.62 20.31
N LEU B 18 -18.43 16.54 20.65
CA LEU B 18 -19.22 15.75 19.64
C LEU B 18 -20.31 15.10 20.46
N GLY B 19 -21.49 15.57 20.22
CA GLY B 19 -22.68 15.11 20.87
C GLY B 19 -22.66 15.72 22.28
N ASN B 20 -22.64 14.86 23.18
CA ASN B 20 -22.83 15.17 24.65
C ASN B 20 -21.55 14.85 25.34
N SER B 21 -20.48 14.71 24.53
CA SER B 21 -19.17 14.38 25.05
C SER B 21 -18.02 15.24 24.53
N THR B 22 -17.10 15.65 25.35
CA THR B 22 -16.00 16.48 25.02
C THR B 22 -14.67 15.92 25.50
N ILE B 23 -13.65 16.08 24.73
CA ILE B 23 -12.27 15.69 24.96
C ILE B 23 -11.33 16.88 24.97
N THR B 24 -10.45 17.04 25.88
CA THR B 24 -9.51 18.15 25.86
C THR B 24 -8.12 17.49 25.88
N THR B 25 -7.21 17.93 25.09
CA THR B 25 -5.84 17.55 25.15
C THR B 25 -4.99 18.82 25.24
N GLN B 26 -4.03 18.75 26.13
CA GLN B 26 -3.12 19.89 26.33
C GLN B 26 -1.76 19.56 25.72
N GLU B 27 -1.63 18.46 25.03
CA GLU B 27 -0.38 18.06 24.42
C GLU B 27 -0.50 17.28 23.16
N ALA B 28 -1.20 17.79 22.20
CA ALA B 28 -1.52 17.25 20.92
C ALA B 28 -0.37 17.50 19.94
N ALA B 29 -0.36 16.93 18.77
CA ALA B 29 0.56 17.15 17.69
C ALA B 29 -0.31 17.22 16.42
N ASN B 30 -1.03 18.33 16.39
CA ASN B 30 -1.98 18.58 15.20
C ASN B 30 -2.96 17.41 15.13
N ALA B 31 -3.59 17.07 14.07
CA ALA B 31 -4.54 15.98 13.92
C ALA B 31 -4.52 15.64 12.42
N VAL B 32 -4.80 14.44 12.11
CA VAL B 32 -4.74 14.02 10.71
C VAL B 32 -6.18 13.83 10.26
N VAL B 33 -6.40 14.23 9.02
CA VAL B 33 -7.73 13.98 8.42
C VAL B 33 -7.46 13.11 7.19
N CYS B 34 -7.77 11.83 7.28
CA CYS B 34 -7.44 10.91 6.22
C CYS B 34 -7.65 11.43 4.83
N TYR B 35 -6.59 11.41 4.02
CA TYR B 35 -6.71 11.73 2.58
C TYR B 35 -7.26 13.12 2.44
N ALA B 36 -7.04 13.88 3.51
CA ALA B 36 -7.47 15.30 3.50
C ALA B 36 -8.95 15.43 3.27
N GLU B 37 -9.81 14.56 3.61
CA GLU B 37 -11.24 14.66 3.51
C GLU B 37 -11.96 14.44 4.80
N TRP B 38 -12.90 15.22 5.09
CA TRP B 38 -13.68 15.21 6.38
C TRP B 38 -14.91 14.46 6.24
N PRO B 39 -15.40 13.73 7.20
CA PRO B 39 -16.59 12.81 6.98
C PRO B 39 -17.75 13.60 6.44
N GLU B 40 -18.57 13.23 5.52
CA GLU B 40 -19.79 13.87 5.05
C GLU B 40 -20.89 12.86 4.75
N TYR B 41 -22.16 13.23 4.74
CA TYR B 41 -23.23 12.24 4.43
C TYR B 41 -23.19 11.86 2.95
N LEU B 42 -24.08 10.86 2.70
CA LEU B 42 -24.09 10.27 1.36
C LEU B 42 -24.96 11.09 0.43
N PRO B 43 -24.38 11.68 -0.55
CA PRO B 43 -25.09 12.48 -1.55
C PRO B 43 -26.00 11.67 -2.42
N ASP B 44 -27.08 12.24 -2.96
CA ASP B 44 -28.03 11.52 -3.79
C ASP B 44 -27.40 11.01 -5.08
N VAL B 45 -26.52 11.82 -5.57
CA VAL B 45 -25.92 11.50 -6.92
C VAL B 45 -25.16 10.17 -6.76
N ASP B 46 -24.72 9.87 -5.55
CA ASP B 46 -24.00 8.64 -5.26
C ASP B 46 -24.84 7.48 -4.71
N ALA B 47 -26.06 7.73 -4.36
CA ALA B 47 -27.01 6.82 -3.80
C ALA B 47 -27.50 5.77 -4.76
N SER B 48 -27.86 4.61 -4.25
CA SER B 48 -28.41 3.52 -4.99
C SER B 48 -29.68 2.96 -4.29
N ASP B 49 -29.54 2.50 -3.09
CA ASP B 49 -30.72 2.02 -2.30
C ASP B 49 -31.76 3.13 -2.26
N VAL B 50 -33.06 2.85 -2.48
CA VAL B 50 -34.02 3.93 -2.55
C VAL B 50 -34.54 4.32 -1.19
N ASN B 51 -34.09 3.66 -0.17
CA ASN B 51 -34.66 3.91 1.18
C ASN B 51 -34.22 5.21 1.77
N LYS B 52 -35.07 5.91 2.40
CA LYS B 52 -34.65 7.21 3.13
C LYS B 52 -33.73 6.79 4.21
N THR B 53 -32.62 7.34 4.59
CA THR B 53 -31.78 6.76 5.69
C THR B 53 -32.09 7.35 7.03
N SER B 54 -31.57 6.84 8.14
CA SER B 54 -31.94 7.35 9.51
C SER B 54 -30.70 8.01 10.06
N LYS B 55 -30.82 9.17 10.62
CA LYS B 55 -29.50 9.83 11.05
C LYS B 55 -29.67 10.19 12.49
N PRO B 56 -29.38 9.28 13.38
CA PRO B 56 -29.63 9.44 14.81
C PRO B 56 -28.88 10.62 15.33
N ASP B 57 -27.91 11.16 14.57
CA ASP B 57 -27.24 12.34 15.05
C ASP B 57 -26.56 12.15 16.41
N THR B 58 -26.88 13.04 17.34
CA THR B 58 -26.18 13.14 18.60
C THR B 58 -26.25 11.91 19.46
N SER B 59 -27.11 11.00 19.24
CA SER B 59 -27.21 9.81 20.10
C SER B 59 -26.22 8.78 19.64
N VAL B 60 -25.73 8.78 18.44
CA VAL B 60 -24.73 7.89 17.95
C VAL B 60 -23.45 8.66 17.70
N CYS B 61 -23.50 9.96 17.50
CA CYS B 61 -22.19 10.65 17.15
C CYS B 61 -21.58 11.26 18.34
N ARG B 62 -21.20 10.50 19.32
CA ARG B 62 -20.59 10.97 20.57
C ARG B 62 -19.36 10.12 20.77
N PHE B 63 -18.63 10.31 21.86
CA PHE B 63 -17.33 9.59 22.04
C PHE B 63 -17.47 8.38 22.90
N TYR B 64 -17.19 7.20 22.40
CA TYR B 64 -17.14 5.96 23.25
C TYR B 64 -15.70 5.64 23.63
N THR B 65 -15.38 5.52 24.91
CA THR B 65 -14.00 5.13 25.32
C THR B 65 -13.92 3.65 25.51
N LEU B 66 -13.32 2.89 24.65
CA LEU B 66 -13.00 1.48 24.83
C LEU B 66 -12.15 1.23 26.10
N ASP B 67 -12.26 -0.03 26.53
CA ASP B 67 -11.42 -0.43 27.68
C ASP B 67 -9.96 -0.26 27.52
N SER B 68 -9.24 0.07 28.58
CA SER B 68 -7.80 0.43 28.41
C SER B 68 -6.76 -0.56 28.17
N LYS B 69 -5.71 -0.42 27.48
CA LYS B 69 -4.62 -1.42 27.29
C LYS B 69 -3.43 -1.01 28.19
N THR B 70 -2.48 -1.96 28.35
CA THR B 70 -1.31 -1.70 29.16
C THR B 70 0.00 -1.93 28.40
N TRP B 71 0.68 -0.85 28.20
CA TRP B 71 1.93 -0.88 27.38
C TRP B 71 2.98 -1.26 28.42
N THR B 72 3.64 -2.27 28.04
CA THR B 72 4.78 -2.76 28.84
C THR B 72 5.89 -3.05 27.79
N THR B 73 7.00 -3.25 28.46
CA THR B 73 8.21 -3.40 27.67
C THR B 73 8.12 -4.55 26.75
N GLY B 74 7.22 -5.46 27.02
CA GLY B 74 7.12 -6.55 26.05
C GLY B 74 6.05 -6.42 25.02
N SER B 75 5.32 -5.32 25.00
CA SER B 75 4.09 -5.20 24.12
C SER B 75 4.41 -5.31 22.68
N LYS B 76 3.63 -5.93 21.85
CA LYS B 76 3.90 -5.94 20.41
C LYS B 76 2.98 -4.95 19.71
N GLY B 77 1.79 -4.73 20.15
CA GLY B 77 0.91 -3.69 19.45
C GLY B 77 -0.50 -4.18 19.52
N TRP B 78 -1.54 -3.43 19.25
CA TRP B 78 -2.95 -3.91 19.32
C TRP B 78 -3.67 -3.50 18.05
N CYS B 79 -4.73 -4.14 17.71
CA CYS B 79 -5.44 -3.83 16.49
C CYS B 79 -6.93 -3.90 16.74
N TRP B 80 -7.68 -2.87 16.38
CA TRP B 80 -9.14 -2.83 16.50
C TRP B 80 -9.72 -2.67 15.07
N LYS B 81 -10.88 -3.18 14.85
CA LYS B 81 -11.54 -3.01 13.52
C LYS B 81 -12.77 -2.14 13.71
N LEU B 82 -13.15 -1.33 12.72
CA LEU B 82 -14.36 -0.46 12.75
C LEU B 82 -15.30 -0.88 11.62
N PRO B 83 -16.62 -0.92 11.81
CA PRO B 83 -17.29 -0.56 13.03
C PRO B 83 -17.31 -1.54 14.14
N ASP B 84 -16.65 -2.66 14.08
CA ASP B 84 -16.68 -3.72 15.10
C ASP B 84 -16.47 -3.23 16.54
N ALA B 85 -15.33 -2.62 16.80
CA ALA B 85 -15.01 -2.11 18.09
C ALA B 85 -16.22 -1.44 18.69
N LEU B 86 -17.09 -0.86 17.94
CA LEU B 86 -18.23 -0.15 18.58
C LEU B 86 -19.49 -0.98 18.57
N LYS B 87 -19.56 -2.19 18.18
CA LYS B 87 -20.72 -3.06 18.00
C LYS B 87 -21.60 -3.12 19.21
N ASP B 88 -21.11 -2.79 20.35
CA ASP B 88 -21.85 -2.75 21.58
C ASP B 88 -21.95 -1.43 22.26
N MET B 89 -21.60 -0.31 21.66
CA MET B 89 -21.67 0.96 22.34
C MET B 89 -23.02 1.60 22.12
N GLY B 90 -23.74 1.69 23.18
CA GLY B 90 -24.99 2.48 23.29
C GLY B 90 -25.89 2.27 22.10
N VAL B 91 -26.53 3.34 21.65
CA VAL B 91 -27.45 3.23 20.52
C VAL B 91 -26.73 3.07 19.19
N PHE B 92 -25.42 3.30 19.13
CA PHE B 92 -24.68 3.14 17.86
C PHE B 92 -24.83 1.66 17.50
N GLY B 93 -24.43 0.85 18.45
CA GLY B 93 -24.53 -0.58 18.31
C GLY B 93 -25.89 -1.08 18.01
N GLN B 94 -26.94 -0.59 18.59
CA GLN B 94 -28.28 -1.17 18.36
C GLN B 94 -28.64 -0.98 16.88
N ASN B 95 -28.43 0.25 16.44
CA ASN B 95 -28.74 0.70 15.07
C ASN B 95 -28.05 -0.23 14.10
N MET B 96 -26.80 -0.54 14.47
CA MET B 96 -25.92 -1.40 13.70
C MET B 96 -26.53 -2.75 13.45
N PHE B 97 -27.04 -3.42 14.49
CA PHE B 97 -27.62 -4.76 14.36
C PHE B 97 -28.99 -4.78 13.75
N PHE B 98 -29.72 -3.70 13.88
CA PHE B 98 -31.05 -3.51 13.42
C PHE B 98 -31.11 -3.01 12.00
N HIS B 99 -30.21 -2.31 11.35
CA HIS B 99 -30.44 -1.99 9.92
C HIS B 99 -29.60 -2.89 9.04
N SER B 100 -30.07 -3.13 7.88
CA SER B 100 -29.44 -3.84 6.80
C SER B 100 -28.17 -3.17 6.32
N LEU B 101 -28.08 -1.89 6.33
CA LEU B 101 -26.93 -1.13 5.79
C LEU B 101 -26.62 0.05 6.64
N GLY B 102 -25.44 0.55 6.68
CA GLY B 102 -25.22 1.77 7.59
C GLY B 102 -23.94 2.36 7.00
N ARG B 103 -23.57 3.50 7.44
CA ARG B 103 -22.30 4.13 6.88
C ARG B 103 -21.82 5.10 7.92
N SER B 104 -20.49 5.29 8.07
CA SER B 104 -20.04 6.22 9.13
C SER B 104 -18.63 6.68 8.98
N GLY B 105 -18.24 7.79 9.50
CA GLY B 105 -16.84 8.26 9.54
C GLY B 105 -16.53 8.25 11.04
N TYR B 106 -15.32 8.55 11.50
CA TYR B 106 -15.06 8.54 12.94
C TYR B 106 -14.02 9.57 13.31
N THR B 107 -14.01 9.98 14.57
CA THR B 107 -12.86 10.71 15.11
C THR B 107 -12.19 9.71 16.08
N VAL B 108 -10.96 9.36 15.93
CA VAL B 108 -10.23 8.42 16.82
C VAL B 108 -9.28 9.23 17.67
N HIS B 109 -9.31 9.07 18.96
CA HIS B 109 -8.38 9.89 19.84
C HIS B 109 -7.57 8.93 20.66
N VAL B 110 -6.35 8.60 20.45
CA VAL B 110 -5.57 7.63 21.29
C VAL B 110 -4.76 8.39 22.33
N GLN B 111 -4.83 7.99 23.56
CA GLN B 111 -4.24 8.69 24.71
C GLN B 111 -3.16 7.90 25.47
N CYS B 112 -2.03 8.53 25.73
CA CYS B 112 -1.00 7.88 26.54
C CYS B 112 -0.10 8.89 27.17
N ASN B 113 -0.23 9.19 28.44
CA ASN B 113 0.67 10.24 29.04
C ASN B 113 1.72 9.60 29.96
N ALA B 114 2.83 10.22 30.18
CA ALA B 114 3.96 9.66 30.94
C ALA B 114 4.63 10.79 31.68
N THR B 115 5.93 10.92 31.70
CA THR B 115 6.55 12.13 32.34
C THR B 115 7.76 12.50 31.48
N LYS B 116 8.47 13.60 31.82
CA LYS B 116 9.64 13.97 30.97
C LYS B 116 10.83 13.07 31.22
N PHE B 117 10.69 11.98 31.93
CA PHE B 117 11.84 11.06 32.12
C PHE B 117 11.57 9.79 31.32
N HIS B 118 10.30 9.56 30.93
CA HIS B 118 10.01 8.34 30.10
C HIS B 118 10.42 8.55 28.67
N SER B 119 10.55 7.51 27.88
CA SER B 119 10.83 7.49 26.45
C SER B 119 9.92 6.35 25.91
N GLY B 120 9.71 6.39 24.66
CA GLY B 120 8.80 5.32 24.04
C GLY B 120 8.10 6.09 22.89
N CYS B 121 7.67 5.42 21.89
CA CYS B 121 6.98 6.08 20.79
C CYS B 121 6.00 5.15 20.14
N LEU B 122 4.71 5.37 20.05
CA LEU B 122 3.72 4.46 19.47
C LEU B 122 3.40 4.93 18.05
N LEU B 123 3.10 4.11 17.11
CA LEU B 123 2.61 4.54 15.77
C LEU B 123 1.09 4.38 15.83
N VAL B 124 0.27 5.29 15.52
CA VAL B 124 -1.19 5.16 15.51
C VAL B 124 -1.61 5.22 14.05
N VAL B 125 -2.09 4.19 13.41
CA VAL B 125 -2.34 4.24 11.95
C VAL B 125 -3.69 3.70 11.62
N VAL B 126 -4.31 4.21 10.58
CA VAL B 126 -5.63 3.69 10.14
C VAL B 126 -5.46 3.02 8.80
N ILE B 127 -5.77 1.77 8.63
CA ILE B 127 -5.58 1.08 7.33
C ILE B 127 -6.89 0.76 6.65
N PRO B 128 -7.23 1.40 5.54
CA PRO B 128 -8.51 1.10 4.87
C PRO B 128 -8.36 -0.30 4.30
N GLU B 129 -9.38 -1.12 4.44
CA GLU B 129 -9.47 -2.48 4.01
C GLU B 129 -8.36 -3.38 4.43
N HIS B 130 -8.01 -3.50 5.64
CA HIS B 130 -6.97 -4.34 6.19
C HIS B 130 -7.28 -5.82 6.19
N GLN B 131 -7.18 -6.51 5.11
CA GLN B 131 -7.49 -7.96 4.99
C GLN B 131 -6.35 -8.70 5.67
N LEU B 132 -6.58 -9.42 6.73
CA LEU B 132 -5.54 -10.10 7.55
C LEU B 132 -5.08 -11.38 6.87
N ALA B 133 -3.99 -11.94 7.29
CA ALA B 133 -3.46 -13.22 6.74
C ALA B 133 -3.62 -14.32 7.76
N SER B 134 -3.82 -15.55 7.30
CA SER B 134 -3.90 -16.71 8.23
C SER B 134 -2.48 -17.05 8.60
N HIS B 135 -2.14 -17.34 9.81
CA HIS B 135 -0.75 -17.80 10.13
C HIS B 135 -0.51 -19.18 9.56
N GLU B 136 -1.51 -19.96 9.22
CA GLU B 136 -1.31 -21.24 8.59
C GLU B 136 -0.66 -21.20 7.23
N GLY B 137 -0.72 -20.13 6.52
CA GLY B 137 -0.17 -20.06 5.13
C GLY B 137 -1.18 -20.60 4.14
N GLY B 138 -0.69 -21.00 3.00
CA GLY B 138 -1.57 -21.62 1.97
C GLY B 138 -2.78 -20.83 1.70
N ASN B 139 -3.95 -21.35 1.85
CA ASN B 139 -5.19 -20.53 1.60
C ASN B 139 -6.13 -20.79 2.74
N VAL B 140 -5.55 -20.96 3.91
CA VAL B 140 -6.37 -21.14 5.14
C VAL B 140 -7.10 -19.82 5.34
N SER B 141 -8.37 -19.85 5.73
CA SER B 141 -9.08 -18.53 5.90
C SER B 141 -8.94 -18.06 7.33
N VAL B 142 -9.38 -16.89 7.68
CA VAL B 142 -9.35 -16.37 9.04
C VAL B 142 -10.83 -16.30 9.44
N LYS B 143 -11.26 -17.12 10.36
CA LYS B 143 -12.67 -17.15 10.72
C LYS B 143 -13.10 -15.78 11.33
N TYR B 144 -14.37 -15.55 11.09
CA TYR B 144 -15.21 -14.43 11.42
C TYR B 144 -14.94 -13.91 12.82
N THR B 145 -15.24 -14.76 13.73
CA THR B 145 -14.93 -14.39 15.14
C THR B 145 -13.56 -13.81 15.27
N PHE B 146 -12.58 -14.39 14.66
CA PHE B 146 -11.24 -13.83 14.81
C PHE B 146 -11.05 -12.45 14.29
N THR B 147 -11.79 -11.98 13.34
CA THR B 147 -11.65 -10.67 12.78
C THR B 147 -12.77 -9.79 13.34
N HIS B 148 -13.42 -10.19 14.36
CA HIS B 148 -14.46 -9.39 14.98
C HIS B 148 -14.30 -9.40 16.51
N PRO B 149 -13.09 -9.10 16.99
CA PRO B 149 -12.80 -9.09 18.39
C PRO B 149 -13.63 -8.15 19.18
N GLY B 150 -14.33 -7.22 18.60
CA GLY B 150 -15.17 -6.31 19.46
C GLY B 150 -14.20 -5.36 20.14
N GLU B 151 -14.66 -4.83 21.25
CA GLU B 151 -13.95 -3.70 21.93
C GLU B 151 -12.63 -4.18 22.38
N ARG B 152 -12.46 -5.44 22.59
CA ARG B 152 -11.20 -6.03 23.06
C ARG B 152 -10.08 -5.85 22.05
N GLY B 153 -10.43 -5.88 20.78
CA GLY B 153 -9.45 -5.73 19.68
C GLY B 153 -8.58 -6.98 19.67
N ILE B 154 -7.60 -7.05 18.90
CA ILE B 154 -6.67 -8.12 18.72
C ILE B 154 -5.36 -7.75 19.40
N ASP B 155 -4.71 -8.61 20.14
CA ASP B 155 -3.47 -8.31 20.85
C ASP B 155 -2.38 -9.11 20.12
N LEU B 156 -1.62 -8.32 19.43
CA LEU B 156 -0.52 -8.83 18.62
C LEU B 156 0.51 -9.56 19.43
N SER B 157 0.38 -9.66 20.70
CA SER B 157 1.46 -10.41 21.45
C SER B 157 0.78 -11.62 22.07
N SER B 158 -0.47 -11.83 21.71
CA SER B 158 -1.20 -13.03 22.12
C SER B 158 -0.72 -14.17 21.23
N ALA B 159 -1.09 -15.38 21.54
CA ALA B 159 -0.61 -16.54 20.72
C ALA B 159 -1.40 -16.84 19.47
N ASN B 160 -0.73 -17.46 18.48
CA ASN B 160 -1.54 -17.87 17.29
C ASN B 160 -2.70 -18.71 17.78
N GLU B 161 -3.86 -18.55 17.21
CA GLU B 161 -5.00 -19.47 17.58
C GLU B 161 -5.49 -20.08 16.27
N VAL B 162 -6.47 -20.95 16.36
CA VAL B 162 -6.73 -21.74 15.07
C VAL B 162 -7.86 -21.06 14.39
N GLY B 163 -7.60 -20.57 13.19
CA GLY B 163 -8.73 -19.91 12.47
C GLY B 163 -8.62 -18.41 12.67
N GLY B 164 -7.62 -18.09 13.47
CA GLY B 164 -7.30 -16.67 13.72
C GLY B 164 -6.24 -16.21 12.70
N PRO B 165 -5.96 -14.90 12.73
CA PRO B 165 -4.96 -14.27 11.88
C PRO B 165 -3.56 -14.47 12.44
N VAL B 166 -2.55 -14.16 11.67
CA VAL B 166 -1.13 -14.19 12.12
C VAL B 166 -0.90 -12.94 12.95
N LYS B 167 0.01 -12.90 13.92
CA LYS B 167 0.09 -11.64 14.73
C LYS B 167 1.47 -11.07 14.74
N ASP B 168 2.23 -11.37 13.76
CA ASP B 168 3.63 -10.95 13.54
C ASP B 168 3.72 -9.49 13.26
N VAL B 169 4.14 -8.58 14.03
CA VAL B 169 4.24 -7.17 13.74
C VAL B 169 5.14 -6.76 12.56
N LEU B 170 6.37 -7.24 12.37
CA LEU B 170 7.16 -6.65 11.21
C LEU B 170 6.33 -6.90 9.95
N TYR B 171 5.26 -7.63 9.90
CA TYR B 171 4.52 -7.81 8.65
C TYR B 171 3.11 -7.28 8.60
N ASN B 172 2.65 -6.38 9.46
CA ASN B 172 1.37 -5.76 9.44
C ASN B 172 0.23 -6.78 9.38
N MET B 173 0.42 -8.01 9.76
CA MET B 173 -0.67 -9.00 9.68
C MET B 173 -1.09 -9.26 8.22
N ASN B 174 -0.24 -8.92 7.26
CA ASN B 174 -0.58 -9.20 5.87
C ASN B 174 0.56 -9.31 4.89
N GLY B 175 1.80 -9.48 5.16
CA GLY B 175 2.77 -9.64 4.12
C GLY B 175 3.34 -8.33 3.67
N THR B 176 3.22 -7.30 4.43
CA THR B 176 3.90 -5.97 4.08
C THR B 176 4.74 -5.53 5.22
N LEU B 177 5.72 -4.69 5.07
CA LEU B 177 6.62 -4.36 6.20
C LEU B 177 6.15 -3.23 7.08
N LEU B 178 6.30 -3.33 8.40
CA LEU B 178 5.92 -2.34 9.38
C LEU B 178 6.41 -0.95 8.95
N GLY B 179 7.63 -0.83 8.56
CA GLY B 179 8.19 0.40 8.07
C GLY B 179 7.38 1.14 7.09
N ASN B 180 6.55 0.57 6.23
CA ASN B 180 5.79 1.27 5.20
C ASN B 180 4.39 1.56 5.55
N LEU B 181 4.00 1.44 6.73
CA LEU B 181 2.62 1.69 7.21
C LEU B 181 2.42 3.19 7.19
N LEU B 182 3.52 3.89 7.07
CA LEU B 182 3.51 5.36 7.08
C LEU B 182 2.83 5.85 5.82
N ILE B 183 2.66 5.00 4.77
CA ILE B 183 1.86 5.51 3.63
C ILE B 183 0.38 5.65 4.05
N PHE B 184 -0.10 5.06 5.14
CA PHE B 184 -1.49 5.23 5.61
C PHE B 184 -1.61 6.41 6.56
N PRO B 185 -2.77 7.08 6.59
CA PRO B 185 -2.95 8.25 7.52
C PRO B 185 -2.47 7.81 8.87
N HIS B 186 -1.57 8.48 9.49
CA HIS B 186 -1.12 8.00 10.82
C HIS B 186 -0.53 9.14 11.59
N GLN B 187 -0.24 8.87 12.83
CA GLN B 187 0.37 10.01 13.72
C GLN B 187 1.17 9.30 14.74
N PHE B 188 2.25 9.77 15.32
CA PHE B 188 3.08 9.05 16.31
C PHE B 188 2.70 9.60 17.68
N ILE B 189 2.89 8.91 18.75
CA ILE B 189 2.73 9.45 20.13
C ILE B 189 4.17 9.32 20.70
N ASN B 190 4.95 10.31 20.76
CA ASN B 190 6.39 10.16 21.26
C ASN B 190 6.35 10.85 22.65
N LEU B 191 6.51 10.04 23.69
CA LEU B 191 6.30 10.52 25.06
C LEU B 191 6.92 11.87 25.23
N ARG B 192 8.05 12.08 24.61
CA ARG B 192 8.76 13.34 24.75
C ARG B 192 8.06 14.49 24.07
N THR B 193 7.09 14.35 23.20
CA THR B 193 6.48 15.38 22.43
C THR B 193 5.00 15.56 22.69
N ASN B 194 4.24 14.67 22.35
CA ASN B 194 2.97 14.17 22.22
C ASN B 194 2.35 13.43 23.33
N ASN B 195 1.06 13.38 23.59
CA ASN B 195 0.46 12.50 24.63
C ASN B 195 -0.81 11.92 24.03
N THR B 196 -1.30 12.47 22.94
CA THR B 196 -2.45 11.91 22.21
C THR B 196 -2.13 11.93 20.73
N ALA B 197 -2.96 11.26 19.96
CA ALA B 197 -2.99 11.13 18.50
C ALA B 197 -4.47 11.27 18.13
N THR B 198 -4.84 12.01 17.12
CA THR B 198 -6.23 12.15 16.69
C THR B 198 -6.28 12.04 15.17
N ILE B 199 -7.12 11.18 14.68
CA ILE B 199 -7.27 10.99 13.24
C ILE B 199 -8.74 11.10 12.90
N VAL B 200 -9.16 11.85 11.93
CA VAL B 200 -10.58 11.93 11.48
C VAL B 200 -10.65 11.05 10.25
N ILE B 201 -11.56 10.10 10.24
CA ILE B 201 -11.71 9.12 9.13
C ILE B 201 -13.02 9.35 8.37
N PRO B 202 -12.89 9.71 7.11
CA PRO B 202 -14.04 9.84 6.21
C PRO B 202 -14.47 8.44 5.83
N TYR B 203 -15.61 8.16 5.38
CA TYR B 203 -16.09 6.83 4.98
C TYR B 203 -15.42 6.39 3.72
N ILE B 204 -14.67 5.33 3.62
CA ILE B 204 -13.94 4.92 2.38
C ILE B 204 -14.41 3.58 1.91
N ASN B 205 -15.10 3.43 0.86
CA ASN B 205 -15.60 2.12 0.37
C ASN B 205 -15.79 2.20 -1.13
N SER B 206 -16.00 1.07 -1.81
CA SER B 206 -16.20 0.97 -3.25
C SER B 206 -17.73 0.90 -3.53
N VAL B 207 -18.52 0.92 -2.50
CA VAL B 207 -19.98 1.01 -2.60
C VAL B 207 -20.45 2.14 -1.72
N PRO B 208 -21.62 2.70 -2.04
CA PRO B 208 -22.07 3.89 -1.31
C PRO B 208 -22.44 3.68 0.13
N ILE B 209 -22.81 2.52 0.51
CA ILE B 209 -23.25 2.09 1.84
C ILE B 209 -23.09 0.56 1.81
N ASP B 210 -22.85 -0.02 2.93
CA ASP B 210 -22.54 -1.45 2.99
C ASP B 210 -23.12 -2.08 4.21
N SER B 211 -22.82 -3.31 4.47
CA SER B 211 -23.29 -3.97 5.70
C SER B 211 -22.34 -3.67 6.81
N MET B 212 -22.78 -3.40 8.01
CA MET B 212 -21.81 -3.06 9.09
C MET B 212 -21.30 -4.29 9.74
N THR B 213 -21.89 -5.43 9.52
CA THR B 213 -21.45 -6.63 10.25
C THR B 213 -20.64 -7.47 9.36
N ARG B 214 -20.86 -7.65 8.09
CA ARG B 214 -19.98 -8.60 7.34
C ARG B 214 -18.75 -7.93 6.86
N HIS B 215 -18.59 -6.65 7.03
CA HIS B 215 -17.34 -6.02 6.47
C HIS B 215 -16.84 -4.88 7.31
N ASN B 216 -15.62 -4.89 7.76
CA ASN B 216 -15.05 -3.82 8.58
C ASN B 216 -14.31 -2.95 7.56
N ASN B 217 -14.35 -1.65 7.69
CA ASN B 217 -13.72 -0.86 6.62
C ASN B 217 -12.47 -0.23 7.09
N VAL B 218 -12.05 -0.26 8.31
CA VAL B 218 -10.68 0.26 8.67
C VAL B 218 -10.23 -0.58 9.89
N SER B 219 -8.96 -0.72 9.99
CA SER B 219 -8.44 -1.30 11.30
C SER B 219 -7.65 -0.09 11.86
N LEU B 220 -7.78 0.17 13.09
CA LEU B 220 -6.98 1.20 13.80
C LEU B 220 -5.86 0.36 14.39
N MET B 221 -4.65 0.73 14.36
CA MET B 221 -3.55 -0.10 14.91
C MET B 221 -2.68 0.77 15.79
N VAL B 222 -2.39 0.39 17.00
CA VAL B 222 -1.45 1.20 17.86
C VAL B 222 -0.26 0.25 18.05
N ILE B 223 0.93 0.61 17.65
CA ILE B 223 2.14 -0.27 17.73
C ILE B 223 3.28 0.37 18.42
N PRO B 224 3.78 -0.15 19.53
CA PRO B 224 5.00 0.48 20.15
C PRO B 224 6.13 0.32 19.13
N ILE B 225 6.91 1.26 18.81
CA ILE B 225 8.05 1.17 17.89
C ILE B 225 9.33 1.46 18.68
N ALA B 226 9.44 2.56 19.37
CA ALA B 226 10.60 2.75 20.27
C ALA B 226 9.97 2.24 21.60
N PRO B 227 10.56 1.19 22.12
CA PRO B 227 10.15 0.54 23.36
C PRO B 227 9.96 1.51 24.49
N LEU B 228 9.04 1.13 25.38
CA LEU B 228 8.78 2.02 26.56
C LEU B 228 9.97 1.94 27.47
N THR B 229 10.46 3.05 27.92
CA THR B 229 11.60 3.03 28.89
C THR B 229 11.27 3.88 30.07
N VAL B 230 10.97 3.30 31.24
CA VAL B 230 10.59 4.18 32.37
C VAL B 230 11.79 4.61 33.19
N PRO B 231 11.61 5.73 33.88
CA PRO B 231 12.67 6.23 34.78
C PRO B 231 12.93 5.13 35.80
N THR B 232 14.05 5.23 36.43
CA THR B 232 14.56 4.30 37.39
C THR B 232 13.64 4.08 38.58
N GLY B 233 13.46 2.73 38.69
CA GLY B 233 12.50 2.30 39.76
C GLY B 233 11.11 2.86 39.56
N ALA B 234 10.77 3.15 38.31
CA ALA B 234 9.37 3.55 38.02
C ALA B 234 8.67 2.22 37.77
N THR B 235 7.37 2.21 37.89
CA THR B 235 6.67 1.02 37.41
C THR B 235 6.92 0.89 35.90
N PRO B 236 7.19 -0.25 35.52
CA PRO B 236 7.50 -0.45 34.08
C PRO B 236 6.30 -0.52 33.23
N SER B 237 5.27 0.27 33.38
CA SER B 237 4.20 0.20 32.29
C SER B 237 3.37 1.44 32.29
N LEU B 238 2.67 1.71 31.20
CA LEU B 238 1.72 2.88 31.06
C LEU B 238 0.44 2.36 30.47
N PRO B 239 -0.71 2.84 30.80
CA PRO B 239 -1.99 2.39 30.11
C PRO B 239 -2.10 3.17 28.82
N ILE B 240 -2.70 2.64 27.83
CA ILE B 240 -3.01 3.39 26.56
C ILE B 240 -4.55 3.40 26.48
N THR B 241 -5.24 4.47 26.29
CA THR B 241 -6.72 4.41 26.15
C THR B 241 -7.18 4.78 24.78
N VAL B 242 -8.13 4.13 24.19
CA VAL B 242 -8.61 4.56 22.82
C VAL B 242 -10.02 5.09 22.94
N THR B 243 -10.36 6.32 22.59
CA THR B 243 -11.78 6.81 22.60
C THR B 243 -12.16 7.06 21.17
N ILE B 244 -13.21 6.60 20.64
CA ILE B 244 -13.67 6.75 19.25
C ILE B 244 -15.11 7.24 19.11
N ALA B 245 -15.36 8.18 18.19
CA ALA B 245 -16.74 8.70 18.00
C ALA B 245 -17.23 8.55 16.60
N PRO B 246 -18.28 7.83 16.35
CA PRO B 246 -18.89 7.80 15.00
C PRO B 246 -19.25 9.24 14.65
N MET B 247 -19.14 9.53 13.35
CA MET B 247 -19.51 10.92 12.90
C MET B 247 -20.09 10.77 11.50
N CYS B 248 -21.14 11.59 11.30
CA CYS B 248 -22.06 11.58 10.19
C CYS B 248 -22.66 10.17 9.98
N THR B 249 -23.06 9.45 10.93
CA THR B 249 -23.60 8.11 10.76
C THR B 249 -24.95 8.09 10.13
N GLU B 250 -25.19 7.14 9.23
CA GLU B 250 -26.51 6.97 8.58
C GLU B 250 -26.81 5.45 8.54
N PHE B 251 -28.03 5.12 8.84
CA PHE B 251 -28.43 3.70 8.81
C PHE B 251 -29.55 3.60 7.82
N SER B 252 -29.69 2.51 7.16
CA SER B 252 -30.77 2.31 6.18
C SER B 252 -31.14 0.86 6.07
N GLY B 253 -32.42 0.62 5.73
CA GLY B 253 -32.93 -0.77 5.58
C GLY B 253 -33.13 -1.42 6.93
N ILE B 254 -34.07 -0.91 7.72
CA ILE B 254 -34.40 -1.35 9.04
C ILE B 254 -35.32 -2.58 8.96
N ARG B 255 -35.16 -3.39 9.97
CA ARG B 255 -35.89 -4.67 10.03
C ARG B 255 -35.69 -5.40 11.35
N SER B 256 -35.45 -6.67 11.18
CA SER B 256 -35.51 -7.60 12.26
C SER B 256 -34.30 -7.60 13.07
N LYS B 257 -33.12 -7.28 12.77
CA LYS B 257 -32.03 -7.42 13.85
C LYS B 257 -31.14 -8.65 13.60
N SER B 258 -29.98 -8.43 13.04
CA SER B 258 -29.05 -9.40 12.62
C SER B 258 -28.63 -10.28 13.80
N ILE B 259 -28.37 -11.52 13.41
CA ILE B 259 -27.80 -12.51 14.43
C ILE B 259 -26.42 -12.90 13.93
N VAL B 260 -25.37 -12.66 14.67
CA VAL B 260 -24.04 -12.97 13.93
C VAL B 260 -23.35 -14.02 14.73
N PRO B 261 -22.51 -14.81 14.07
CA PRO B 261 -21.74 -15.79 14.72
C PRO B 261 -21.11 -15.27 16.03
N GLN B 262 -21.18 -16.27 16.92
CA GLN B 262 -20.59 -16.40 18.24
C GLN B 262 -21.12 -15.38 19.20
N GLY C 1 -11.77 -1.88 -53.92
CA GLY C 1 -10.41 -2.29 -53.23
C GLY C 1 -9.14 -1.53 -53.19
N LEU C 2 -8.74 -0.80 -52.12
CA LEU C 2 -7.57 0.05 -52.04
C LEU C 2 -6.25 -0.65 -51.90
N PRO C 3 -5.23 -0.46 -52.75
CA PRO C 3 -3.95 -1.20 -52.69
C PRO C 3 -3.13 -0.92 -51.48
N THR C 4 -2.63 -1.88 -50.73
CA THR C 4 -1.82 -1.78 -49.55
C THR C 4 -0.56 -2.63 -49.70
N THR C 5 0.39 -2.41 -48.82
CA THR C 5 1.64 -3.14 -48.67
C THR C 5 1.91 -3.47 -47.22
N THR C 6 2.19 -4.66 -46.74
CA THR C 6 2.35 -4.72 -45.22
C THR C 6 3.76 -4.60 -44.86
N LEU C 7 4.10 -3.96 -43.73
CA LEU C 7 5.55 -3.75 -43.38
C LEU C 7 6.04 -4.85 -42.40
N PRO C 8 7.35 -4.85 -42.26
CA PRO C 8 7.99 -5.71 -41.27
C PRO C 8 7.29 -5.42 -39.95
N GLY C 9 6.97 -6.37 -39.14
CA GLY C 9 6.38 -6.18 -37.80
C GLY C 9 4.91 -6.54 -37.83
N SER C 10 4.38 -6.67 -39.05
CA SER C 10 2.95 -7.06 -39.12
C SER C 10 2.75 -8.34 -38.31
N GLY C 11 1.61 -8.45 -37.71
CA GLY C 11 1.26 -9.54 -36.86
C GLY C 11 2.01 -9.60 -35.58
N GLN C 12 2.93 -8.80 -35.23
CA GLN C 12 3.63 -8.99 -33.93
C GLN C 12 2.76 -8.56 -32.80
N PHE C 13 2.99 -9.02 -31.61
CA PHE C 13 2.28 -8.57 -30.34
C PHE C 13 3.33 -7.91 -29.44
N LEU C 14 3.29 -6.64 -29.25
CA LEU C 14 4.29 -5.92 -28.41
C LEU C 14 3.59 -5.58 -27.13
N THR C 15 3.94 -6.07 -25.96
CA THR C 15 3.08 -5.87 -24.78
C THR C 15 3.05 -4.40 -24.35
N THR C 16 3.79 -3.58 -25.08
CA THR C 16 3.90 -2.15 -24.79
C THR C 16 3.31 -1.29 -25.90
N ASP C 17 2.13 -1.69 -26.35
CA ASP C 17 1.42 -0.94 -27.39
C ASP C 17 0.15 -0.32 -26.82
N ASP C 18 -0.41 0.56 -27.61
CA ASP C 18 -1.62 1.29 -27.24
C ASP C 18 -2.47 1.58 -28.48
N ARG C 19 -3.09 0.52 -28.94
CA ARG C 19 -3.99 0.57 -30.11
C ARG C 19 -5.39 0.13 -29.68
N GLN C 20 -6.30 0.24 -30.62
CA GLN C 20 -7.71 -0.11 -30.38
C GLN C 20 -7.97 -1.59 -30.65
N SER C 21 -9.00 -2.05 -29.95
CA SER C 21 -9.47 -3.45 -30.02
C SER C 21 -10.99 -3.46 -29.85
N PRO C 22 -11.73 -4.35 -30.54
CA PRO C 22 -13.18 -4.40 -30.43
C PRO C 22 -13.60 -4.70 -29.02
N SER C 23 -14.84 -4.33 -28.73
CA SER C 23 -15.48 -4.55 -27.41
C SER C 23 -16.28 -5.86 -27.46
N ALA C 24 -15.75 -6.82 -26.74
CA ALA C 24 -16.32 -8.19 -26.66
C ALA C 24 -17.82 -8.17 -26.35
N LEU C 25 -18.19 -7.38 -25.35
CA LEU C 25 -19.59 -7.26 -24.93
C LEU C 25 -20.07 -5.82 -25.12
N PRO C 26 -20.61 -5.49 -26.30
CA PRO C 26 -21.08 -4.14 -26.59
C PRO C 26 -22.20 -3.71 -25.67
N ASN C 27 -22.76 -2.58 -26.07
CA ASN C 27 -23.89 -1.90 -25.42
C ASN C 27 -23.96 -2.18 -23.91
N TYR C 28 -22.93 -2.81 -23.40
CA TYR C 28 -22.85 -3.06 -21.96
C TYR C 28 -23.29 -1.77 -21.27
N GLU C 29 -22.86 -1.60 -20.05
CA GLU C 29 -23.17 -0.38 -19.31
C GLU C 29 -22.56 -0.47 -17.94
N PRO C 30 -21.43 0.20 -17.76
CA PRO C 30 -20.73 0.18 -16.51
C PRO C 30 -21.57 0.74 -15.42
N THR C 31 -21.07 0.43 -14.25
CA THR C 31 -21.64 0.90 -12.99
C THR C 31 -21.06 2.28 -12.74
N PRO C 32 -21.87 3.23 -12.27
CA PRO C 32 -21.41 4.58 -12.05
C PRO C 32 -20.31 4.61 -11.03
N ARG C 33 -19.48 5.62 -11.16
CA ARG C 33 -18.40 5.83 -10.18
C ARG C 33 -18.95 6.56 -8.96
N ILE C 34 -18.61 6.27 -7.75
CA ILE C 34 -19.07 7.13 -6.62
C ILE C 34 -17.78 7.81 -6.17
N HIS C 35 -17.77 8.64 -5.19
CA HIS C 35 -16.51 9.35 -4.83
C HIS C 35 -15.72 8.54 -3.85
N ILE C 36 -14.45 8.42 -3.91
CA ILE C 36 -13.73 7.58 -2.85
C ILE C 36 -12.58 8.49 -2.48
N PRO C 37 -12.27 8.83 -1.28
CA PRO C 37 -11.09 9.67 -0.96
C PRO C 37 -9.85 8.93 -1.40
N GLY C 38 -8.70 9.53 -1.56
CA GLY C 38 -7.47 8.90 -1.84
C GLY C 38 -7.02 8.61 -3.17
N LYS C 39 -7.46 9.20 -4.26
CA LYS C 39 -7.06 8.82 -5.64
C LYS C 39 -5.61 9.14 -5.86
N VAL C 40 -4.91 8.20 -6.50
CA VAL C 40 -3.46 8.37 -6.84
C VAL C 40 -3.34 8.63 -8.32
N HIS C 41 -2.57 9.56 -8.80
CA HIS C 41 -2.43 9.70 -10.23
C HIS C 41 -1.02 9.33 -10.67
N ASN C 42 0.00 9.67 -9.97
CA ASN C 42 1.37 9.43 -10.38
C ASN C 42 2.11 8.69 -9.30
N LEU C 43 3.01 7.81 -9.63
CA LEU C 43 3.78 7.17 -8.53
C LEU C 43 4.63 8.29 -7.88
N LEU C 44 4.81 9.38 -8.60
CA LEU C 44 5.63 10.50 -8.05
C LEU C 44 4.85 11.11 -6.92
N GLU C 45 3.53 10.92 -6.87
CA GLU C 45 2.81 11.55 -5.75
C GLU C 45 3.14 10.84 -4.45
N ILE C 46 3.17 9.52 -4.51
CA ILE C 46 3.38 8.74 -3.30
C ILE C 46 4.80 8.65 -2.83
N ILE C 47 5.84 8.63 -3.66
CA ILE C 47 7.22 8.53 -3.13
C ILE C 47 7.62 9.79 -2.37
N GLN C 48 6.77 10.80 -2.24
CA GLN C 48 7.08 11.98 -1.41
C GLN C 48 6.59 11.80 0.00
N VAL C 49 5.81 10.80 0.29
CA VAL C 49 5.43 10.48 1.70
C VAL C 49 6.60 9.76 2.34
N ASP C 50 7.03 10.15 3.53
CA ASP C 50 8.24 9.45 4.08
C ASP C 50 7.79 8.18 4.80
N THR C 51 8.67 7.22 4.78
CA THR C 51 8.54 5.93 5.47
C THR C 51 9.87 5.63 6.15
N LEU C 52 9.83 4.80 7.14
CA LEU C 52 10.91 4.41 8.01
C LEU C 52 11.94 3.55 7.26
N ILE C 53 13.19 3.69 7.53
CA ILE C 53 14.30 2.92 6.99
C ILE C 53 14.83 1.92 8.01
N PRO C 54 14.88 0.65 7.71
CA PRO C 54 15.45 -0.32 8.69
C PRO C 54 16.95 -0.09 8.68
N MET C 55 17.46 0.97 9.25
CA MET C 55 18.85 1.32 9.22
C MET C 55 19.76 0.38 10.00
N ASN C 56 19.28 -0.11 11.10
CA ASN C 56 19.87 -1.02 12.02
C ASN C 56 19.76 -2.49 11.60
N ASN C 57 19.83 -2.76 10.33
CA ASN C 57 20.06 -3.94 9.66
C ASN C 57 20.90 -5.10 10.20
N THR C 58 21.57 -4.98 11.24
CA THR C 58 22.48 -5.86 11.87
C THR C 58 21.84 -7.03 12.50
N HIS C 59 20.53 -7.09 12.55
CA HIS C 59 19.95 -8.33 13.12
C HIS C 59 20.06 -9.47 12.11
N THR C 60 19.55 -10.59 12.64
CA THR C 60 19.57 -11.84 11.92
C THR C 60 18.27 -12.37 11.44
N LYS C 61 17.17 -11.83 11.88
CA LYS C 61 15.81 -12.19 11.35
C LYS C 61 15.08 -10.85 11.32
N ASP C 62 14.10 -10.55 10.52
CA ASP C 62 13.52 -9.19 10.48
C ASP C 62 12.90 -8.87 11.85
N GLU C 63 13.21 -7.74 12.40
CA GLU C 63 12.65 -7.34 13.70
C GLU C 63 12.42 -5.86 13.80
N VAL C 64 11.49 -5.43 14.69
CA VAL C 64 11.09 -4.04 14.84
C VAL C 64 12.29 -3.22 15.24
N ASN C 65 13.37 -3.83 15.45
CA ASN C 65 14.51 -3.26 16.14
C ASN C 65 15.52 -2.77 15.20
N SER C 66 15.19 -3.11 13.97
CA SER C 66 16.23 -2.73 12.91
C SER C 66 15.79 -1.40 12.35
N TYR C 67 14.67 -0.90 12.92
CA TYR C 67 14.20 0.43 12.58
C TYR C 67 14.80 1.39 13.61
N LEU C 68 15.32 0.88 14.71
CA LEU C 68 15.83 1.73 15.79
C LEU C 68 17.33 1.92 15.71
N ILE C 69 17.80 3.14 15.54
CA ILE C 69 19.24 3.50 15.59
C ILE C 69 19.55 3.85 17.03
N PRO C 70 20.42 3.13 17.71
CA PRO C 70 20.64 3.41 19.16
C PRO C 70 21.63 4.54 19.31
N LEU C 71 21.55 5.20 20.43
CA LEU C 71 22.40 6.32 20.82
C LEU C 71 22.92 6.00 22.23
N ASN C 72 24.17 6.26 22.52
CA ASN C 72 24.78 6.03 23.81
C ASN C 72 25.04 7.28 24.58
N ALA C 73 24.66 7.44 25.86
CA ALA C 73 24.98 8.71 26.60
C ALA C 73 26.46 8.90 26.80
N ASN C 74 26.86 10.12 27.02
CA ASN C 74 28.23 10.45 27.14
C ASN C 74 29.21 9.97 26.16
N ARG C 75 29.01 9.61 24.95
CA ARG C 75 30.18 9.34 24.02
C ARG C 75 30.44 10.70 23.29
N GLN C 76 31.59 10.99 22.94
CA GLN C 76 32.06 12.26 22.32
C GLN C 76 32.56 11.92 20.94
N ASN C 77 32.89 12.80 20.06
CA ASN C 77 33.49 12.55 18.77
C ASN C 77 33.06 11.37 17.99
N GLU C 78 32.40 10.37 18.36
CA GLU C 78 32.14 9.07 17.69
C GLU C 78 31.11 8.95 16.65
N GLN C 79 30.96 7.83 15.95
CA GLN C 79 30.02 7.72 14.83
C GLN C 79 28.77 6.96 15.10
N VAL C 80 27.57 7.54 14.82
CA VAL C 80 26.28 6.92 15.07
C VAL C 80 25.87 5.90 14.04
N PHE C 81 26.08 6.07 12.80
CA PHE C 81 25.64 5.07 11.76
C PHE C 81 26.32 5.43 10.44
N GLY C 82 26.22 4.63 9.43
CA GLY C 82 26.87 4.96 8.12
C GLY C 82 26.09 4.09 7.11
N THR C 83 26.02 4.45 5.91
CA THR C 83 25.41 3.73 4.84
C THR C 83 25.79 4.33 3.49
N ASN C 84 25.84 3.52 2.44
CA ASN C 84 26.08 4.21 1.11
C ASN C 84 24.68 4.65 0.62
N LEU C 85 24.64 5.30 -0.52
CA LEU C 85 23.29 5.73 -0.98
C LEU C 85 22.93 4.96 -2.23
N PHE C 86 22.84 3.67 -2.12
CA PHE C 86 22.32 2.90 -3.32
C PHE C 86 20.85 2.72 -2.92
N ILE C 87 20.01 3.68 -3.34
CA ILE C 87 18.60 3.63 -2.98
C ILE C 87 17.91 2.38 -3.46
N GLY C 88 18.48 1.65 -4.39
CA GLY C 88 17.77 0.42 -4.81
C GLY C 88 18.24 -0.83 -4.11
N ASP C 89 18.99 -0.73 -3.06
CA ASP C 89 19.56 -1.86 -2.41
C ASP C 89 19.79 -1.68 -0.97
N GLY C 90 20.21 -2.72 -0.22
CA GLY C 90 20.60 -2.39 1.18
C GLY C 90 19.61 -1.80 2.07
N VAL C 91 19.86 -0.86 2.96
CA VAL C 91 18.78 -0.35 3.87
C VAL C 91 17.56 0.16 3.13
N PHE C 92 17.72 0.94 2.09
CA PHE C 92 16.71 1.59 1.32
C PHE C 92 15.74 0.69 0.63
N LYS C 93 16.21 -0.47 0.33
CA LYS C 93 15.49 -1.39 -0.57
C LYS C 93 14.11 -1.78 -0.22
N THR C 94 13.66 -1.84 1.00
CA THR C 94 12.33 -2.30 1.42
C THR C 94 11.42 -1.12 1.74
N THR C 95 12.02 0.05 1.79
CA THR C 95 11.24 1.27 2.03
C THR C 95 10.35 1.50 0.81
N LEU C 96 9.31 2.29 0.95
CA LEU C 96 8.42 2.58 -0.19
C LEU C 96 9.17 3.21 -1.33
N LEU C 97 10.11 4.10 -1.01
CA LEU C 97 10.92 4.77 -2.00
C LEU C 97 11.75 3.69 -2.73
N GLY C 98 12.44 2.93 -1.94
CA GLY C 98 13.30 1.89 -2.51
C GLY C 98 12.50 0.94 -3.40
N GLU C 99 11.32 0.66 -2.93
CA GLU C 99 10.41 -0.33 -3.52
C GLU C 99 9.86 0.14 -4.82
N ILE C 100 9.67 1.44 -5.02
CA ILE C 100 9.16 2.02 -6.27
C ILE C 100 10.26 2.28 -7.26
N VAL C 101 11.37 2.77 -6.79
CA VAL C 101 12.58 3.03 -7.58
C VAL C 101 12.94 1.78 -8.37
N GLN C 102 12.68 0.67 -7.77
CA GLN C 102 12.97 -0.65 -8.35
C GLN C 102 12.07 -0.94 -9.50
N TYR C 103 10.96 -0.24 -9.69
CA TYR C 103 10.15 -0.46 -10.92
C TYR C 103 10.76 0.36 -12.03
N TYR C 104 11.77 1.17 -11.77
CA TYR C 104 12.31 1.98 -12.92
C TYR C 104 13.78 1.76 -13.05
N THR C 105 14.34 2.03 -14.23
CA THR C 105 15.76 1.86 -14.44
C THR C 105 16.66 2.99 -14.03
N HIS C 106 16.26 4.21 -14.16
CA HIS C 106 17.05 5.43 -13.90
C HIS C 106 16.37 6.33 -12.89
N TRP C 107 17.09 7.04 -12.07
CA TRP C 107 16.43 7.99 -11.12
C TRP C 107 17.31 9.25 -11.15
N SER C 108 16.78 10.37 -10.80
CA SER C 108 17.59 11.60 -10.66
C SER C 108 16.84 12.45 -9.65
N GLY C 109 17.45 13.36 -8.91
CA GLY C 109 16.68 14.14 -7.95
C GLY C 109 17.22 14.24 -6.57
N SER C 110 16.47 15.09 -5.75
CA SER C 110 17.05 15.13 -4.34
C SER C 110 16.33 14.23 -3.40
N LEU C 111 16.95 13.72 -2.36
CA LEU C 111 16.31 12.80 -1.39
C LEU C 111 16.13 13.55 -0.08
N ARG C 112 15.08 13.15 0.65
CA ARG C 112 15.01 13.89 1.97
C ARG C 112 15.17 12.84 3.03
N PHE C 113 16.20 12.93 3.85
CA PHE C 113 16.49 11.98 4.96
C PHE C 113 16.22 12.63 6.29
N SER C 114 15.32 12.29 7.10
CA SER C 114 15.06 12.94 8.40
C SER C 114 15.22 11.96 9.54
N LEU C 115 15.46 12.41 10.71
CA LEU C 115 15.71 11.60 11.93
C LEU C 115 14.75 12.10 12.99
N MET C 116 13.94 11.28 13.61
CA MET C 116 13.06 11.86 14.71
C MET C 116 13.64 11.34 16.02
N TYR C 117 13.90 12.17 17.00
CA TYR C 117 14.50 11.71 18.28
C TYR C 117 13.42 11.26 19.26
N THR C 118 13.65 10.15 19.98
CA THR C 118 12.67 9.60 20.90
C THR C 118 13.10 9.55 22.35
N GLY C 119 14.28 10.07 22.71
CA GLY C 119 14.77 10.08 24.11
C GLY C 119 13.93 10.89 25.06
N PRO C 120 14.11 10.65 26.38
CA PRO C 120 13.32 11.46 27.37
C PRO C 120 13.43 12.94 26.99
N ALA C 121 12.32 13.64 27.29
CA ALA C 121 12.29 15.07 27.12
C ALA C 121 13.37 15.83 27.89
N LEU C 122 13.82 15.44 29.05
CA LEU C 122 14.84 16.14 29.86
C LEU C 122 16.27 15.80 29.45
N SER C 123 16.47 15.12 28.31
CA SER C 123 17.83 14.84 27.84
C SER C 123 18.22 15.84 26.76
N SER C 124 19.41 15.78 26.24
CA SER C 124 19.76 16.78 25.17
C SER C 124 20.82 16.18 24.30
N ALA C 125 21.06 16.64 23.12
CA ALA C 125 22.12 15.99 22.29
C ALA C 125 22.36 16.89 21.10
N LYS C 126 23.51 16.84 20.50
CA LYS C 126 23.82 17.55 19.25
C LYS C 126 24.56 16.50 18.35
N LEU C 127 23.95 16.23 17.21
CA LEU C 127 24.45 15.34 16.22
C LEU C 127 24.77 16.08 14.94
N ILE C 128 25.66 15.55 14.16
CA ILE C 128 25.99 16.10 12.81
C ILE C 128 25.64 15.06 11.73
N LEU C 129 24.87 15.36 10.72
CA LEU C 129 24.60 14.38 9.67
C LEU C 129 25.45 14.86 8.46
N ALA C 130 26.08 13.99 7.75
CA ALA C 130 26.94 14.45 6.65
C ALA C 130 26.61 13.63 5.43
N TYR C 131 26.49 14.24 4.27
CA TYR C 131 26.33 13.63 2.96
C TYR C 131 27.70 13.73 2.27
N THR C 132 28.27 12.69 1.77
CA THR C 132 29.63 12.78 1.11
C THR C 132 29.40 12.53 -0.36
N PRO C 133 29.61 13.46 -1.23
CA PRO C 133 29.29 13.30 -2.68
C PRO C 133 30.30 12.33 -3.29
N PRO C 134 29.92 11.73 -4.37
CA PRO C 134 30.65 10.63 -5.01
C PRO C 134 32.06 11.01 -5.24
N GLY C 135 33.03 10.09 -5.10
CA GLY C 135 34.41 10.54 -5.38
C GLY C 135 35.32 10.40 -4.23
N ALA C 136 34.81 10.43 -3.04
CA ALA C 136 35.63 10.24 -1.79
C ALA C 136 35.16 8.97 -1.11
N ARG C 137 35.80 8.42 -0.14
CA ARG C 137 35.38 7.24 0.60
C ARG C 137 34.35 7.61 1.68
N GLY C 138 33.71 6.58 2.21
CA GLY C 138 32.77 6.91 3.40
C GLY C 138 33.75 7.55 4.41
N PRO C 139 33.32 8.65 4.99
CA PRO C 139 34.19 9.36 5.97
C PRO C 139 34.47 8.38 7.11
N GLN C 140 35.64 8.52 7.63
CA GLN C 140 36.16 7.78 8.74
C GLN C 140 36.18 8.45 10.06
N ASP C 141 35.95 9.68 10.20
CA ASP C 141 35.90 10.43 11.47
C ASP C 141 35.16 11.73 11.09
N ARG C 142 34.62 12.39 12.05
CA ARG C 142 33.78 13.60 11.85
C ARG C 142 34.58 14.64 11.12
N ARG C 143 35.90 14.61 11.29
CA ARG C 143 36.62 15.77 10.68
C ARG C 143 36.43 15.57 9.18
N GLU C 144 36.61 14.32 8.87
CA GLU C 144 36.50 14.01 7.44
C GLU C 144 35.09 14.27 7.02
N ALA C 145 34.13 13.91 7.88
CA ALA C 145 32.70 13.98 7.49
C ALA C 145 32.23 15.41 7.34
N MET C 146 32.65 16.25 8.24
CA MET C 146 32.17 17.64 8.32
C MET C 146 32.61 18.44 7.13
N LEU C 147 33.50 18.03 6.26
CA LEU C 147 33.93 18.84 5.11
C LEU C 147 32.99 18.72 3.89
N GLY C 148 31.92 18.01 3.95
CA GLY C 148 30.95 17.77 2.89
C GLY C 148 29.61 18.25 3.45
N THR C 149 28.55 17.96 2.74
CA THR C 149 27.19 18.43 3.07
C THR C 149 26.85 17.98 4.46
N HIS C 150 26.50 18.88 5.32
CA HIS C 150 26.23 18.40 6.72
C HIS C 150 25.25 19.32 7.40
N VAL C 151 24.59 18.98 8.47
CA VAL C 151 23.67 19.77 9.25
C VAL C 151 23.97 19.53 10.74
N VAL C 152 24.29 20.50 11.55
CA VAL C 152 24.40 20.19 13.03
C VAL C 152 22.98 20.16 13.52
N TRP C 153 22.52 19.10 14.06
CA TRP C 153 21.11 18.98 14.55
C TRP C 153 21.03 19.26 16.01
N ASP C 154 20.25 20.13 16.53
CA ASP C 154 20.27 20.35 18.04
C ASP C 154 18.97 19.73 18.49
N ILE C 155 19.01 18.75 19.32
CA ILE C 155 17.75 18.01 19.77
C ILE C 155 16.98 18.89 20.67
N GLY C 156 15.73 19.18 20.28
CA GLY C 156 14.95 20.10 21.10
C GLY C 156 13.48 19.70 21.08
N LEU C 157 12.71 20.75 21.28
CA LEU C 157 11.26 20.68 21.30
C LEU C 157 10.78 20.11 20.00
N GLN C 158 11.24 20.67 18.96
CA GLN C 158 11.11 20.19 17.55
C GLN C 158 11.93 18.91 17.45
N SER C 159 11.13 17.84 17.30
CA SER C 159 11.64 16.48 17.42
C SER C 159 12.38 15.94 16.24
N THR C 160 12.06 16.31 15.01
CA THR C 160 12.69 15.82 13.79
C THR C 160 13.54 16.81 13.08
N ILE C 161 14.52 16.40 12.35
CA ILE C 161 15.43 17.14 11.56
C ILE C 161 15.35 16.52 10.13
N VAL C 162 15.24 17.32 9.15
CA VAL C 162 15.14 16.93 7.78
C VAL C 162 16.39 17.30 7.02
N MET C 163 17.22 16.38 6.69
CA MET C 163 18.41 16.60 5.91
C MET C 163 18.05 16.33 4.44
N THR C 164 18.53 17.09 3.56
CA THR C 164 18.25 16.84 2.07
C THR C 164 19.48 16.35 1.45
N ILE C 165 19.51 15.33 0.67
CA ILE C 165 20.82 14.96 -0.07
C ILE C 165 20.67 15.65 -1.39
N PRO C 166 21.17 16.86 -1.54
CA PRO C 166 20.96 17.57 -2.85
C PRO C 166 21.54 16.80 -3.98
N TRP C 167 20.92 16.80 -5.15
CA TRP C 167 21.44 16.09 -6.32
C TRP C 167 22.84 16.66 -6.73
N THR C 168 23.88 15.90 -6.41
CA THR C 168 25.24 16.20 -6.83
C THR C 168 25.68 15.22 -7.88
N SER C 169 25.77 15.64 -9.14
CA SER C 169 26.09 14.68 -10.19
C SER C 169 26.58 15.26 -11.45
N GLY C 170 27.45 14.52 -12.13
CA GLY C 170 27.95 14.93 -13.45
C GLY C 170 26.77 14.54 -14.41
N VAL C 171 26.64 13.27 -14.65
CA VAL C 171 25.64 12.58 -15.43
C VAL C 171 24.29 12.92 -14.80
N GLN C 172 23.31 13.20 -15.61
CA GLN C 172 21.97 13.60 -15.08
C GLN C 172 21.10 12.50 -14.67
N PHE C 173 21.44 11.27 -14.84
CA PHE C 173 20.63 10.14 -14.29
C PHE C 173 21.60 9.10 -13.76
N ARG C 174 21.18 8.41 -12.79
CA ARG C 174 21.92 7.29 -12.18
C ARG C 174 21.07 6.05 -12.36
N TYR C 175 21.71 4.93 -12.27
CA TYR C 175 20.96 3.63 -12.28
C TYR C 175 20.35 3.31 -10.93
N THR C 176 19.13 2.75 -10.85
CA THR C 176 18.58 2.38 -9.52
C THR C 176 19.29 1.14 -9.00
N ASP C 177 19.60 0.25 -9.86
CA ASP C 177 20.39 -0.99 -9.46
C ASP C 177 21.79 -0.51 -9.27
N PRO C 178 22.48 -0.91 -8.25
CA PRO C 178 23.76 -0.24 -7.88
C PRO C 178 24.74 -0.38 -9.00
N ASP C 179 25.34 0.76 -9.30
CA ASP C 179 26.38 0.84 -10.36
C ASP C 179 27.45 1.83 -9.97
N THR C 180 28.69 1.58 -10.32
CA THR C 180 29.79 2.40 -9.85
C THR C 180 29.86 3.80 -10.40
N TYR C 181 29.89 3.85 -11.71
CA TYR C 181 30.13 5.11 -12.42
C TYR C 181 29.09 6.13 -11.92
N THR C 182 27.90 5.58 -11.84
CA THR C 182 26.66 6.14 -11.40
C THR C 182 26.46 6.17 -9.92
N SER C 183 27.48 6.10 -9.09
CA SER C 183 27.18 5.94 -7.62
C SER C 183 26.91 7.22 -6.93
N ALA C 184 26.14 7.33 -5.86
CA ALA C 184 25.80 8.59 -5.27
C ALA C 184 26.43 9.09 -4.05
N GLY C 185 27.35 8.44 -3.39
CA GLY C 185 27.91 8.95 -2.11
C GLY C 185 27.63 8.12 -0.87
N PHE C 186 27.83 8.70 0.28
CA PHE C 186 27.63 8.12 1.53
C PHE C 186 26.90 9.09 2.46
N LEU C 187 26.31 8.48 3.46
CA LEU C 187 25.58 9.33 4.47
C LEU C 187 26.11 8.93 5.82
N SER C 188 26.64 9.72 6.68
CA SER C 188 27.12 9.26 8.01
C SER C 188 26.54 10.17 9.07
N CYS C 189 26.65 9.84 10.35
CA CYS C 189 26.09 10.72 11.46
C CYS C 189 27.02 10.52 12.66
N TRP C 190 27.42 11.55 13.39
CA TRP C 190 28.38 11.49 14.49
C TRP C 190 27.91 12.30 15.63
N TYR C 191 28.38 12.10 16.83
CA TYR C 191 28.03 13.01 17.96
C TYR C 191 28.70 14.34 17.72
N GLN C 192 28.03 15.45 17.88
CA GLN C 192 28.61 16.79 17.64
C GLN C 192 29.14 17.25 19.00
N THR C 193 28.31 16.99 19.99
CA THR C 193 28.77 17.16 21.39
C THR C 193 28.48 15.77 21.98
N SER C 194 27.30 15.49 22.42
CA SER C 194 27.09 14.08 22.93
C SER C 194 25.75 13.96 23.52
N LEU C 195 25.14 12.79 23.68
CA LEU C 195 23.78 12.69 24.28
C LEU C 195 23.92 12.79 25.80
N ILE C 196 23.06 13.44 26.49
CA ILE C 196 23.19 13.58 28.00
C ILE C 196 21.92 13.18 28.64
N LEU C 197 21.80 12.19 29.49
CA LEU C 197 20.41 11.81 29.99
C LEU C 197 20.18 12.52 31.31
N PRO C 198 18.95 12.80 31.65
CA PRO C 198 18.69 13.41 32.99
C PRO C 198 18.91 12.37 34.04
N PRO C 199 19.00 12.78 35.30
CA PRO C 199 19.05 11.89 36.43
C PRO C 199 17.89 10.88 36.41
N GLU C 200 18.09 9.77 37.09
CA GLU C 200 17.02 8.79 37.28
C GLU C 200 16.70 8.13 35.97
N THR C 201 17.54 8.31 35.00
CA THR C 201 17.28 7.76 33.66
C THR C 201 18.41 6.94 33.18
N THR C 202 18.13 5.94 32.36
CA THR C 202 19.33 5.15 31.90
C THR C 202 19.21 4.35 30.66
N GLY C 203 20.42 4.00 30.15
CA GLY C 203 20.37 3.18 28.93
C GLY C 203 20.45 3.86 27.62
N GLN C 204 19.99 3.14 26.57
CA GLN C 204 20.07 3.65 25.20
C GLN C 204 18.81 4.43 24.82
N VAL C 205 19.00 5.39 23.97
CA VAL C 205 17.77 6.11 23.43
C VAL C 205 17.81 5.80 21.95
N TYR C 206 16.70 5.87 21.21
CA TYR C 206 16.81 5.60 19.77
C TYR C 206 16.32 6.71 18.90
N LEU C 207 16.84 6.80 17.71
CA LEU C 207 16.37 7.71 16.67
C LEU C 207 15.55 6.81 15.67
N LEU C 208 14.48 7.29 15.15
CA LEU C 208 13.79 6.67 14.02
C LEU C 208 14.27 7.40 12.77
N SER C 209 14.43 6.75 11.65
CA SER C 209 14.90 7.56 10.45
C SER C 209 13.96 7.35 9.30
N PHE C 210 13.60 8.38 8.54
CA PHE C 210 12.70 8.18 7.38
C PHE C 210 13.38 8.51 6.06
N ILE C 211 12.85 8.10 4.92
CA ILE C 211 13.31 8.55 3.61
C ILE C 211 12.07 8.78 2.69
N SER C 212 12.10 9.82 1.95
CA SER C 212 11.16 10.23 0.90
C SER C 212 11.89 11.05 -0.16
N ALA C 213 11.33 11.23 -1.32
CA ALA C 213 11.96 11.94 -2.42
C ALA C 213 11.56 13.39 -2.48
N CYS C 214 12.39 14.29 -2.84
CA CYS C 214 12.02 15.73 -3.03
C CYS C 214 11.20 15.84 -4.30
N PRO C 215 10.60 17.01 -4.52
CA PRO C 215 9.71 17.23 -5.65
C PRO C 215 10.49 17.33 -6.93
N ASP C 216 11.72 17.34 -6.99
CA ASP C 216 12.88 17.38 -7.78
C ASP C 216 13.06 16.15 -8.61
N PHE C 217 12.66 15.03 -8.01
CA PHE C 217 12.85 13.65 -8.40
C PHE C 217 12.33 13.23 -9.74
N LYS C 218 13.00 12.43 -10.47
CA LYS C 218 12.57 11.85 -11.74
C LYS C 218 12.93 10.37 -11.74
N LEU C 219 12.13 9.55 -12.27
CA LEU C 219 12.29 8.07 -12.38
C LEU C 219 11.91 7.78 -13.86
N ARG C 220 12.56 6.96 -14.56
CA ARG C 220 12.21 6.64 -15.93
C ARG C 220 12.67 5.27 -16.33
N LEU C 221 12.11 4.77 -17.45
CA LEU C 221 12.33 3.51 -18.08
C LEU C 221 11.92 2.33 -17.17
N MET C 222 10.64 2.10 -17.21
CA MET C 222 10.03 1.03 -16.35
C MET C 222 10.57 -0.34 -16.71
N LYS C 223 10.67 -1.14 -15.71
CA LYS C 223 11.11 -2.52 -15.78
C LYS C 223 10.55 -3.31 -14.58
N ASP C 224 10.91 -4.56 -14.57
CA ASP C 224 10.44 -5.54 -13.59
C ASP C 224 11.26 -5.52 -12.32
N THR C 225 10.65 -5.78 -11.18
CA THR C 225 11.34 -5.62 -9.89
C THR C 225 11.96 -6.95 -9.51
N GLN C 226 13.13 -6.88 -8.93
CA GLN C 226 13.79 -8.06 -8.39
C GLN C 226 13.07 -8.39 -7.08
N THR C 227 12.20 -7.56 -6.61
CA THR C 227 11.58 -7.84 -5.32
C THR C 227 10.49 -8.80 -5.28
N ILE C 228 10.14 -9.54 -6.28
CA ILE C 228 9.05 -10.52 -6.26
C ILE C 228 9.13 -11.54 -7.35
N SER C 229 8.92 -12.79 -6.97
CA SER C 229 9.07 -13.88 -8.02
C SER C 229 8.20 -15.06 -7.62
N GLN C 230 8.26 -16.13 -8.38
CA GLN C 230 7.33 -17.23 -8.02
C GLN C 230 7.78 -18.44 -8.76
N THR C 231 7.36 -19.63 -8.26
CA THR C 231 7.75 -20.85 -8.99
C THR C 231 6.53 -21.53 -9.55
N VAL C 232 5.39 -21.47 -8.99
CA VAL C 232 4.23 -22.11 -9.79
C VAL C 232 3.09 -21.16 -9.72
N ALA C 233 2.15 -21.28 -10.66
CA ALA C 233 1.04 -20.26 -10.57
C ALA C 233 0.28 -20.49 -9.26
N LEU C 234 -0.18 -19.44 -8.64
CA LEU C 234 -1.02 -19.65 -7.43
C LEU C 234 -2.40 -20.11 -7.88
N THR C 235 -3.14 -20.66 -6.95
CA THR C 235 -4.57 -21.04 -7.17
C THR C 235 -5.41 -20.61 -5.98
N GLU C 236 -6.72 -20.84 -6.08
CA GLU C 236 -7.63 -20.34 -4.99
C GLU C 236 -7.59 -21.35 -3.86
N ILE D 29 -8.95 8.90 -34.43
CA ILE D 29 -10.21 8.26 -34.95
C ILE D 29 -10.67 6.99 -34.28
N ASN D 30 -11.80 6.99 -33.61
CA ASN D 30 -12.18 5.69 -32.98
C ASN D 30 -12.82 4.86 -34.05
N TYR D 31 -12.46 3.63 -34.28
CA TYR D 31 -13.16 2.80 -35.28
C TYR D 31 -14.34 2.02 -34.72
N TYR D 32 -14.39 2.03 -33.41
CA TYR D 32 -15.34 1.21 -32.66
C TYR D 32 -16.28 2.06 -31.83
N LYS D 33 -17.46 1.47 -31.58
CA LYS D 33 -18.54 2.16 -30.95
C LYS D 33 -18.46 2.32 -29.46
N ASP D 34 -17.91 1.37 -28.75
CA ASP D 34 -17.90 1.37 -27.29
C ASP D 34 -16.72 2.06 -26.71
N ALA D 35 -16.82 2.64 -25.50
CA ALA D 35 -15.65 3.38 -24.99
C ALA D 35 -14.55 2.47 -24.51
N ALA D 36 -14.86 1.23 -24.24
CA ALA D 36 -13.83 0.37 -23.64
C ALA D 36 -12.86 0.05 -24.75
N SER D 37 -13.31 0.45 -25.95
CA SER D 37 -12.44 -0.18 -27.02
C SER D 37 -11.39 0.76 -27.43
N THR D 38 -11.38 1.94 -26.85
CA THR D 38 -10.39 3.00 -27.19
C THR D 38 -9.06 2.73 -26.53
N SER D 39 -8.03 3.40 -27.02
CA SER D 39 -6.67 3.10 -26.51
C SER D 39 -6.53 3.80 -25.16
N SER D 40 -5.31 3.63 -24.66
CA SER D 40 -4.94 4.03 -23.28
C SER D 40 -5.29 5.50 -23.09
N ALA D 41 -5.48 5.87 -21.83
CA ALA D 41 -5.91 7.20 -21.51
C ALA D 41 -5.03 8.37 -21.63
N GLY D 42 -3.77 8.60 -21.71
CA GLY D 42 -3.42 10.19 -21.68
C GLY D 42 -3.15 10.54 -20.23
N GLN D 43 -2.12 11.45 -20.03
CA GLN D 43 -1.55 11.64 -18.66
C GLN D 43 -2.30 12.66 -17.81
N SER D 44 -2.74 12.01 -16.67
CA SER D 44 -3.50 12.68 -15.67
C SER D 44 -3.04 14.17 -15.63
N LEU D 45 -1.68 14.08 -15.55
CA LEU D 45 -1.11 15.51 -15.40
C LEU D 45 -1.98 16.18 -14.29
N SER D 46 -2.32 15.20 -13.26
CA SER D 46 -3.06 15.82 -12.12
C SER D 46 -2.06 16.11 -11.02
N MET D 47 -1.58 15.11 -10.31
CA MET D 47 -0.49 15.31 -9.36
C MET D 47 -0.67 16.26 -8.21
N ASP D 48 -1.07 15.77 -7.05
CA ASP D 48 -1.22 16.53 -5.84
C ASP D 48 -0.99 15.65 -4.62
N PRO D 49 0.25 15.66 -4.20
CA PRO D 49 0.66 14.76 -3.11
C PRO D 49 0.10 15.24 -1.82
N SER D 50 -0.44 16.36 -1.66
CA SER D 50 -0.81 16.81 -0.30
C SER D 50 -1.83 15.90 0.29
N LYS D 51 -2.67 15.20 -0.37
CA LYS D 51 -3.61 14.34 0.42
C LYS D 51 -2.84 13.28 1.19
N PHE D 52 -1.70 12.87 0.72
CA PHE D 52 -0.80 11.88 1.30
C PHE D 52 0.27 12.52 2.12
N THR D 53 0.87 13.60 1.73
CA THR D 53 2.02 14.15 2.50
C THR D 53 1.67 15.14 3.57
N GLU D 54 0.55 15.78 3.57
CA GLU D 54 0.14 16.75 4.52
C GLU D 54 -1.33 16.69 4.83
N PRO D 55 -1.80 15.54 5.31
CA PRO D 55 -3.22 15.46 5.68
C PRO D 55 -3.42 16.02 7.06
N VAL D 56 -2.76 17.10 7.48
CA VAL D 56 -3.01 17.60 8.86
C VAL D 56 -4.19 18.54 8.89
N LYS D 57 -4.87 18.63 10.00
CA LYS D 57 -6.09 19.41 10.15
C LYS D 57 -5.68 20.87 10.18
N ASP D 58 -4.81 21.36 10.98
CA ASP D 58 -4.37 22.73 11.00
C ASP D 58 -3.02 22.74 10.18
N LEU D 59 -3.06 23.58 9.19
CA LEU D 59 -2.07 23.86 8.21
C LEU D 59 -0.69 24.16 8.85
N MET D 60 0.28 23.53 8.28
CA MET D 60 1.65 23.71 8.81
C MET D 60 2.43 24.54 7.85
N LEU D 61 3.03 25.68 8.26
CA LEU D 61 3.91 26.40 7.30
C LEU D 61 5.36 26.12 7.43
N LYS D 62 5.99 25.78 6.36
CA LYS D 62 7.48 25.39 6.47
C LYS D 62 8.29 26.49 7.05
N GLY D 63 8.96 26.36 8.19
CA GLY D 63 9.77 27.61 8.57
C GLY D 63 9.17 28.10 9.85
N ALA D 64 7.88 28.00 9.93
CA ALA D 64 7.25 28.27 11.25
C ALA D 64 7.49 27.01 12.08
N PRO D 65 7.51 27.16 13.39
CA PRO D 65 7.66 26.05 14.31
C PRO D 65 6.56 24.99 14.08
N ALA D 66 6.94 23.75 14.15
CA ALA D 66 5.99 22.62 14.04
C ALA D 66 4.97 22.65 15.16
N LEU D 67 5.49 22.76 16.38
CA LEU D 67 4.53 22.74 17.55
C LEU D 67 4.76 24.07 18.28
N ASN D 68 3.74 24.79 18.41
CA ASN D 68 3.61 26.12 18.99
C ASN D 68 3.05 25.89 20.42
C1 S57 E . -13.33 -14.33 -25.03
O4 S57 E . -14.33 -13.41 -24.95
C4A S57 E . -14.57 -12.74 -23.74
C3A S57 E . -13.63 -12.80 -22.70
C2A S57 E . -13.85 -12.10 -21.51
CL S57 E . -12.69 -12.18 -20.21
C1A S57 E . -14.98 -11.31 -21.40
C6A S57 E . -15.90 -11.20 -22.41
C5A S57 E . -15.70 -11.91 -23.60
O1 S57 E . -15.00 -10.55 -20.29
C6B S57 E . -14.12 -10.71 -19.25
C5B S57 E . -14.36 -9.80 -18.05
C4B S57 E . -13.41 -10.11 -16.89
C3B S57 E . -12.66 -8.88 -16.31
C2B S57 E . -11.66 -9.28 -15.22
C1B S57 E . -10.94 -8.11 -14.52
N1 S57 E . -10.56 -8.46 -13.17
C2C S57 E . -9.90 -7.68 -12.31
N3 S57 E . -9.87 -8.28 -11.17
C4C S57 E . -10.47 -9.43 -11.18
C5C S57 E . -10.85 -9.56 -12.41
#